data_3WU6
#
_entry.id   3WU6
#
_cell.length_a   86.438
_cell.length_b   86.438
_cell.length_c   124.936
_cell.angle_alpha   90.00
_cell.angle_beta   90.00
_cell.angle_gamma   120.00
#
_symmetry.space_group_name_H-M   'P 31'
#
loop_
_entity.id
_entity.type
_entity.pdbx_description
1 polymer 'Lon protease'
2 non-polymer 'SULFATE ION'
3 water water
#
_entity_poly.entity_id   1
_entity_poly.type   'polypeptide(L)'
_entity_poly.pdbx_seq_one_letter_code
;DYGRADNENRVGQVTGLAWTEVGGDLLTIETACVPGKGKLTYTGSLGEVMQESIQAALTVVRARAEKLGINPDFYEKRDI
HVHVPEGATPKDGPAAGIAMCTALVSCLTGNPVRADVAMTGEITLRGQVLPIGGLKEKLLAAHRGGIKTVLIPFENKRDL
EEIPDNVIADLDIHPVKRIEEVLTLALQNEPSGMQVVTAK
;
_entity_poly.pdbx_strand_id   A,B,C,D,E,F
#
loop_
_chem_comp.id
_chem_comp.type
_chem_comp.name
_chem_comp.formula
SO4 non-polymer 'SULFATE ION' 'O4 S -2'
#
# COMPACT_ATOMS: atom_id res chain seq x y z
N ASN A 7 14.60 28.34 7.69
CA ASN A 7 13.17 28.09 7.84
C ASN A 7 12.35 28.88 6.83
N GLU A 8 12.24 30.19 7.04
CA GLU A 8 11.62 31.07 6.05
C GLU A 8 12.32 30.85 4.73
N ASN A 9 13.64 30.78 4.80
CA ASN A 9 14.49 30.55 3.63
C ASN A 9 14.11 29.28 2.87
N ARG A 10 13.81 28.21 3.60
CA ARG A 10 13.46 26.95 2.97
C ARG A 10 11.95 26.74 2.89
N VAL A 11 11.17 27.79 3.17
CA VAL A 11 9.70 27.69 3.09
C VAL A 11 9.02 28.73 2.19
N GLY A 12 8.52 28.28 1.04
CA GLY A 12 7.74 29.14 0.15
C GLY A 12 6.34 29.36 0.70
N GLN A 13 5.79 30.54 0.49
CA GLN A 13 4.47 30.88 1.04
C GLN A 13 3.67 31.69 0.03
N VAL A 14 2.47 31.22 -0.29
CA VAL A 14 1.64 31.90 -1.29
C VAL A 14 0.20 31.97 -0.83
N THR A 15 -0.47 33.09 -1.09
CA THR A 15 -1.88 33.19 -0.76
C THR A 15 -2.70 32.70 -1.96
N GLY A 16 -3.42 31.61 -1.77
CA GLY A 16 -4.26 31.07 -2.81
C GLY A 16 -5.72 31.30 -2.46
N LEU A 17 -6.60 31.17 -3.44
CA LEU A 17 -8.03 31.21 -3.21
C LEU A 17 -8.60 29.90 -3.73
N ALA A 18 -9.14 29.09 -2.83
CA ALA A 18 -9.61 27.76 -3.22
C ALA A 18 -10.68 27.25 -2.27
N TRP A 19 -11.30 26.13 -2.64
CA TRP A 19 -12.46 25.64 -1.92
C TRP A 19 -12.11 25.05 -0.55
N THR A 20 -12.86 25.46 0.47
CA THR A 20 -12.78 24.82 1.77
C THR A 20 -14.20 24.40 2.12
N GLU A 21 -14.33 23.50 3.09
CA GLU A 21 -15.63 22.99 3.55
C GLU A 21 -16.75 24.02 3.68
N VAL A 22 -16.40 25.22 4.13
CA VAL A 22 -17.37 26.29 4.29
C VAL A 22 -17.39 27.27 3.11
N GLY A 23 -16.68 26.92 2.04
CA GLY A 23 -16.68 27.74 0.83
C GLY A 23 -15.30 28.24 0.38
N GLY A 24 -15.27 28.88 -0.77
CA GLY A 24 -14.01 29.42 -1.29
C GLY A 24 -13.42 30.40 -0.31
N ASP A 25 -12.11 30.37 -0.14
CA ASP A 25 -11.52 31.16 0.94
C ASP A 25 -10.05 31.46 0.67
N LEU A 26 -9.51 32.46 1.38
CA LEU A 26 -8.07 32.68 1.40
C LEU A 26 -7.39 31.51 2.10
N LEU A 27 -6.30 31.03 1.51
CA LEU A 27 -5.52 29.91 2.03
C LEU A 27 -4.07 30.34 1.97
N THR A 28 -3.30 30.03 3.00
CA THR A 28 -1.85 30.22 2.92
C THR A 28 -1.23 28.88 2.57
N ILE A 29 -0.69 28.79 1.36
CA ILE A 29 -0.07 27.57 0.88
C ILE A 29 1.39 27.65 1.31
N GLU A 30 1.84 26.67 2.08
CA GLU A 30 3.23 26.64 2.51
C GLU A 30 3.95 25.49 1.88
N THR A 31 5.23 25.68 1.55
CA THR A 31 6.01 24.58 0.99
C THR A 31 7.36 24.62 1.66
N ALA A 32 7.90 23.46 2.01
CA ALA A 32 9.27 23.41 2.47
C ALA A 32 10.02 22.55 1.47
N CYS A 33 11.27 22.92 1.20
CA CYS A 33 12.09 22.13 0.29
CA CYS A 33 12.12 22.17 0.27
C CYS A 33 13.46 21.86 0.89
N VAL A 34 13.49 20.92 1.83
CA VAL A 34 14.71 20.57 2.55
C VAL A 34 15.53 19.50 1.83
N PRO A 35 16.84 19.49 2.07
CA PRO A 35 17.70 18.41 1.59
C PRO A 35 17.13 17.04 1.94
N GLY A 36 17.08 16.15 0.94
CA GLY A 36 16.44 14.85 1.09
C GLY A 36 16.74 13.96 -0.10
N LYS A 37 15.79 13.11 -0.48
CA LYS A 37 16.00 12.15 -1.56
C LYS A 37 14.82 11.99 -2.51
N GLY A 38 13.89 12.94 -2.48
CA GLY A 38 12.81 12.94 -3.45
C GLY A 38 11.43 12.54 -2.96
N LYS A 39 11.18 12.67 -1.68
CA LYS A 39 9.84 12.37 -1.18
C LYS A 39 8.96 13.60 -1.22
N LEU A 40 7.73 13.41 -1.70
CA LEU A 40 6.71 14.45 -1.64
C LEU A 40 5.73 14.11 -0.52
N THR A 41 5.52 15.08 0.37
CA THR A 41 4.55 14.98 1.45
C THR A 41 3.55 16.10 1.28
N TYR A 42 2.27 15.81 1.47
CA TYR A 42 1.30 16.90 1.46
C TYR A 42 0.21 16.69 2.48
N THR A 43 -0.09 17.77 3.20
CA THR A 43 -0.98 17.72 4.37
C THR A 43 -1.87 18.96 4.45
N GLY A 44 -2.91 18.88 5.26
CA GLY A 44 -3.77 20.04 5.47
C GLY A 44 -5.23 19.69 5.25
N SER A 45 -5.60 18.46 5.59
CA SER A 45 -6.96 17.96 5.36
C SER A 45 -7.36 18.16 3.89
N LEU A 46 -6.50 17.71 2.98
CA LEU A 46 -6.66 17.92 1.54
C LEU A 46 -7.46 16.79 0.89
N GLY A 47 -8.42 17.15 0.04
CA GLY A 47 -9.16 16.14 -0.68
C GLY A 47 -8.34 15.63 -1.85
N GLU A 48 -8.81 14.59 -2.53
CA GLU A 48 -8.00 13.99 -3.58
C GLU A 48 -7.76 14.89 -4.77
N VAL A 49 -8.75 15.67 -5.19
CA VAL A 49 -8.52 16.57 -6.32
C VAL A 49 -7.43 17.59 -5.99
N MET A 50 -7.43 18.06 -4.75
CA MET A 50 -6.41 19.02 -4.37
C MET A 50 -5.03 18.37 -4.25
N GLN A 51 -4.97 17.14 -3.76
CA GLN A 51 -3.72 16.38 -3.75
C GLN A 51 -3.20 16.26 -5.18
N GLU A 52 -4.09 15.92 -6.10
CA GLU A 52 -3.64 15.74 -7.49
C GLU A 52 -3.14 17.06 -8.07
N SER A 53 -3.70 18.18 -7.62
CA SER A 53 -3.24 19.47 -8.12
C SER A 53 -1.82 19.75 -7.67
N ILE A 54 -1.42 19.21 -6.51
CA ILE A 54 -0.06 19.42 -6.03
C ILE A 54 0.93 18.60 -6.85
N GLN A 55 0.58 17.35 -7.14
CA GLN A 55 1.42 16.56 -8.02
C GLN A 55 1.60 17.22 -9.37
N ALA A 56 0.50 17.74 -9.93
CA ALA A 56 0.61 18.45 -11.22
C ALA A 56 1.53 19.66 -11.11
N ALA A 57 1.37 20.43 -10.03
CA ALA A 57 2.20 21.61 -9.82
C ALA A 57 3.67 21.24 -9.72
N LEU A 58 3.99 20.16 -9.00
CA LEU A 58 5.39 19.72 -8.92
C LEU A 58 5.92 19.28 -10.28
N THR A 59 5.11 18.55 -11.03
CA THR A 59 5.55 18.12 -12.35
C THR A 59 5.83 19.33 -13.27
N VAL A 60 5.01 20.36 -13.20
CA VAL A 60 5.27 21.58 -13.99
C VAL A 60 6.66 22.14 -13.70
N VAL A 61 7.03 22.18 -12.41
CA VAL A 61 8.35 22.67 -12.04
C VAL A 61 9.46 21.75 -12.50
N ARG A 62 9.28 20.44 -12.35
CA ARG A 62 10.31 19.50 -12.80
C ARG A 62 10.51 19.61 -14.31
N ALA A 63 9.42 19.79 -15.04
CA ALA A 63 9.48 19.92 -16.50
C ALA A 63 10.22 21.19 -16.95
N ARG A 64 10.15 22.24 -16.14
CA ARG A 64 10.71 23.55 -16.49
C ARG A 64 11.92 23.97 -15.63
N ALA A 65 12.49 23.03 -14.88
CA ALA A 65 13.56 23.33 -13.93
C ALA A 65 14.67 24.19 -14.54
N GLU A 66 15.19 23.76 -15.68
CA GLU A 66 16.29 24.45 -16.33
C GLU A 66 15.94 25.90 -16.68
N LYS A 67 14.73 26.10 -17.20
CA LYS A 67 14.28 27.44 -17.54
C LYS A 67 14.20 28.32 -16.29
N LEU A 68 13.88 27.71 -15.16
CA LEU A 68 13.72 28.43 -13.91
C LEU A 68 15.06 28.61 -13.21
N GLY A 69 16.12 28.12 -13.84
CA GLY A 69 17.44 28.18 -13.23
C GLY A 69 17.62 27.19 -12.10
N ILE A 70 16.74 26.20 -12.01
CA ILE A 70 16.85 25.14 -11.00
C ILE A 70 17.60 23.95 -11.57
N ASN A 71 18.49 23.36 -10.78
CA ASN A 71 19.22 22.16 -11.19
C ASN A 71 18.21 21.07 -11.56
N PRO A 72 18.24 20.60 -12.81
CA PRO A 72 17.26 19.63 -13.31
C PRO A 72 17.17 18.34 -12.48
N ASP A 73 18.20 18.02 -11.71
CA ASP A 73 18.14 16.84 -10.86
C ASP A 73 17.96 17.18 -9.38
N PHE A 74 17.24 18.25 -9.12
CA PHE A 74 16.95 18.68 -7.75
C PHE A 74 16.07 17.68 -7.00
N TYR A 75 15.22 16.97 -7.74
CA TYR A 75 14.22 16.16 -7.07
C TYR A 75 14.82 14.91 -6.46
N GLU A 76 16.06 14.59 -6.81
CA GLU A 76 16.71 13.45 -6.18
C GLU A 76 17.43 13.89 -4.91
N LYS A 77 17.58 15.21 -4.73
CA LYS A 77 18.30 15.76 -3.59
C LYS A 77 17.45 16.65 -2.69
N ARG A 78 16.13 16.63 -2.91
CA ARG A 78 15.21 17.44 -2.12
C ARG A 78 14.02 16.61 -1.62
N ASP A 79 13.56 16.91 -0.41
CA ASP A 79 12.25 16.45 0.02
C ASP A 79 11.34 17.66 0.10
N ILE A 80 10.10 17.50 -0.36
CA ILE A 80 9.17 18.61 -0.43
C ILE A 80 7.95 18.31 0.40
N HIS A 81 7.52 19.29 1.20
CA HIS A 81 6.32 19.15 2.02
C HIS A 81 5.44 20.34 1.71
N VAL A 82 4.28 20.07 1.12
CA VAL A 82 3.28 21.11 0.90
C VAL A 82 2.26 20.98 2.03
N HIS A 83 2.00 22.08 2.72
CA HIS A 83 1.04 22.09 3.85
C HIS A 83 0.07 23.26 3.70
N VAL A 84 -1.21 23.00 3.92
CA VAL A 84 -2.21 24.06 3.87
C VAL A 84 -3.02 24.15 5.16
N PRO A 85 -2.62 25.05 6.05
CA PRO A 85 -3.39 25.35 7.26
C PRO A 85 -4.71 26.02 6.86
N GLU A 86 -5.72 26.04 7.73
CA GLU A 86 -5.68 25.44 9.05
C GLU A 86 -5.81 23.94 8.92
N GLY A 87 -5.08 23.22 9.77
CA GLY A 87 -4.92 21.79 9.62
C GLY A 87 -6.19 20.97 9.65
N ALA A 88 -7.20 21.47 10.37
CA ALA A 88 -8.43 20.70 10.58
C ALA A 88 -9.51 20.98 9.54
N THR A 89 -9.31 22.01 8.73
CA THR A 89 -10.36 22.42 7.80
C THR A 89 -10.22 21.70 6.45
N PRO A 90 -11.26 20.95 6.06
CA PRO A 90 -11.23 20.22 4.79
C PRO A 90 -11.16 21.18 3.61
N LYS A 91 -10.29 20.88 2.65
CA LYS A 91 -10.09 21.72 1.48
C LYS A 91 -9.98 20.80 0.29
N ASP A 92 -10.34 21.28 -0.90
CA ASP A 92 -10.32 20.37 -2.03
C ASP A 92 -10.48 21.17 -3.29
N GLY A 93 -10.46 20.48 -4.42
CA GLY A 93 -10.55 21.18 -5.68
C GLY A 93 -9.21 21.61 -6.23
N PRO A 94 -9.21 22.08 -7.48
CA PRO A 94 -8.00 22.36 -8.24
C PRO A 94 -7.59 23.82 -8.21
N ALA A 95 -8.35 24.67 -7.53
CA ALA A 95 -8.18 26.13 -7.72
C ALA A 95 -6.90 26.69 -7.11
N ALA A 96 -6.22 25.89 -6.29
CA ALA A 96 -4.99 26.32 -5.67
C ALA A 96 -3.77 25.94 -6.49
N GLY A 97 -4.02 25.33 -7.66
CA GLY A 97 -2.92 24.84 -8.47
C GLY A 97 -1.81 25.85 -8.81
N ILE A 98 -2.18 27.05 -9.26
CA ILE A 98 -1.14 28.00 -9.61
C ILE A 98 -0.40 28.52 -8.39
N ALA A 99 -1.10 28.60 -7.27
CA ALA A 99 -0.44 28.92 -5.99
C ALA A 99 0.57 27.85 -5.56
N MET A 100 0.23 26.58 -5.75
CA MET A 100 1.17 25.53 -5.38
CA MET A 100 1.15 25.49 -5.40
C MET A 100 2.41 25.59 -6.23
N CYS A 101 2.22 25.82 -7.53
CA CYS A 101 3.35 25.91 -8.43
C CYS A 101 4.22 27.09 -8.03
N THR A 102 3.58 28.21 -7.72
CA THR A 102 4.32 29.43 -7.35
C THR A 102 5.09 29.22 -6.06
N ALA A 103 4.44 28.62 -5.06
CA ALA A 103 5.13 28.34 -3.81
C ALA A 103 6.35 27.44 -4.02
N LEU A 104 6.21 26.44 -4.89
CA LEU A 104 7.32 25.50 -5.11
C LEU A 104 8.48 26.18 -5.81
N VAL A 105 8.18 27.01 -6.80
CA VAL A 105 9.23 27.74 -7.50
C VAL A 105 9.95 28.64 -6.53
N SER A 106 9.17 29.34 -5.71
CA SER A 106 9.72 30.24 -4.70
C SER A 106 10.68 29.51 -3.80
N CYS A 107 10.20 28.41 -3.23
CA CYS A 107 11.00 27.61 -2.31
C CYS A 107 12.31 27.12 -2.95
N LEU A 108 12.20 26.58 -4.15
CA LEU A 108 13.37 26.01 -4.82
C LEU A 108 14.34 27.05 -5.37
N THR A 109 13.91 28.30 -5.51
CA THR A 109 14.79 29.33 -6.05
C THR A 109 15.24 30.35 -5.00
N GLY A 110 14.55 30.40 -3.87
CA GLY A 110 14.83 31.42 -2.88
C GLY A 110 14.30 32.77 -3.30
N ASN A 111 13.39 32.76 -4.28
CA ASN A 111 12.79 33.98 -4.80
C ASN A 111 11.51 34.26 -4.01
N PRO A 112 11.51 35.32 -3.19
CA PRO A 112 10.35 35.55 -2.32
C PRO A 112 9.08 35.92 -3.07
N VAL A 113 7.93 35.60 -2.46
CA VAL A 113 6.64 35.87 -3.07
C VAL A 113 6.16 37.26 -2.67
N ARG A 114 5.62 38.03 -3.63
CA ARG A 114 5.20 39.38 -3.32
C ARG A 114 4.15 39.39 -2.22
N ALA A 115 4.20 40.41 -1.38
CA ALA A 115 3.13 40.68 -0.44
C ALA A 115 1.95 41.23 -1.23
N ASP A 116 0.75 41.15 -0.65
CA ASP A 116 -0.46 41.75 -1.24
C ASP A 116 -0.98 41.04 -2.50
N VAL A 117 -0.45 39.86 -2.79
CA VAL A 117 -0.87 39.11 -3.96
C VAL A 117 -1.59 37.83 -3.54
N ALA A 118 -2.76 37.57 -4.12
CA ALA A 118 -3.40 36.25 -4.01
C ALA A 118 -3.67 35.71 -5.41
N MET A 119 -3.89 34.40 -5.53
CA MET A 119 -4.10 33.87 -6.88
C MET A 119 -5.01 32.66 -6.85
N THR A 120 -5.78 32.49 -7.91
CA THR A 120 -6.66 31.33 -8.05
C THR A 120 -6.59 30.83 -9.48
N GLY A 121 -6.66 29.52 -9.66
CA GLY A 121 -6.53 28.94 -11.00
C GLY A 121 -6.05 27.50 -11.01
N GLU A 122 -6.63 26.72 -11.91
CA GLU A 122 -6.25 25.31 -12.09
C GLU A 122 -5.04 25.24 -12.99
N ILE A 123 -4.01 24.51 -12.57
CA ILE A 123 -2.82 24.36 -13.40
C ILE A 123 -2.88 23.08 -14.26
N THR A 124 -2.21 23.11 -15.42
CA THR A 124 -2.05 21.92 -16.27
C THR A 124 -0.56 21.66 -16.49
N LEU A 125 -0.22 20.46 -16.92
CA LEU A 125 1.19 20.10 -17.07
C LEU A 125 1.82 20.97 -18.14
N ARG A 126 1.01 21.39 -19.11
CA ARG A 126 1.51 22.19 -20.22
C ARG A 126 1.69 23.65 -19.83
N GLY A 127 1.24 24.03 -18.64
CA GLY A 127 1.42 25.39 -18.15
C GLY A 127 0.23 26.30 -18.34
N GLN A 128 -0.82 25.78 -18.98
CA GLN A 128 -2.02 26.60 -19.20
C GLN A 128 -2.80 26.75 -17.90
N VAL A 129 -3.38 27.94 -17.68
CA VAL A 129 -4.20 28.20 -16.49
C VAL A 129 -5.68 28.09 -16.85
N LEU A 130 -6.38 27.16 -16.21
CA LEU A 130 -7.77 26.88 -16.54
C LEU A 130 -8.70 27.61 -15.59
N PRO A 131 -9.90 28.00 -16.09
CA PRO A 131 -10.87 28.72 -15.26
C PRO A 131 -11.38 27.89 -14.09
N ILE A 132 -11.77 28.58 -13.02
CA ILE A 132 -12.26 27.91 -11.82
C ILE A 132 -13.67 28.40 -11.55
N GLY A 133 -14.33 27.81 -10.56
CA GLY A 133 -15.67 28.23 -10.21
C GLY A 133 -15.69 29.07 -8.95
N GLY A 134 -16.82 29.70 -8.66
CA GLY A 134 -16.96 30.44 -7.42
C GLY A 134 -16.05 31.65 -7.34
N LEU A 135 -15.81 32.30 -8.48
CA LEU A 135 -14.93 33.46 -8.49
C LEU A 135 -15.42 34.57 -7.57
N LYS A 136 -16.73 34.78 -7.51
CA LYS A 136 -17.26 35.88 -6.70
C LYS A 136 -16.92 35.68 -5.23
N GLU A 137 -17.25 34.50 -4.71
CA GLU A 137 -16.93 34.12 -3.34
C GLU A 137 -15.44 34.31 -3.06
N LYS A 138 -14.60 33.89 -4.00
CA LYS A 138 -13.14 34.01 -3.85
C LYS A 138 -12.66 35.47 -3.79
N LEU A 139 -13.12 36.29 -4.74
CA LEU A 139 -12.70 37.68 -4.80
C LEU A 139 -13.16 38.45 -3.56
N LEU A 140 -14.36 38.13 -3.06
CA LEU A 140 -14.84 38.76 -1.83
C LEU A 140 -13.96 38.40 -0.64
N ALA A 141 -13.45 37.18 -0.62
CA ALA A 141 -12.57 36.76 0.46
C ALA A 141 -11.25 37.53 0.41
N ALA A 142 -10.72 37.67 -0.80
CA ALA A 142 -9.48 38.43 -1.01
C ALA A 142 -9.68 39.86 -0.54
N HIS A 143 -10.80 40.45 -0.96
CA HIS A 143 -11.14 41.82 -0.60
C HIS A 143 -11.28 41.99 0.92
N ARG A 144 -12.00 41.09 1.56
CA ARG A 144 -12.17 41.14 3.00
C ARG A 144 -10.84 40.99 3.72
N GLY A 145 -9.94 40.22 3.10
CA GLY A 145 -8.63 39.96 3.69
C GLY A 145 -7.60 41.04 3.38
N GLY A 146 -7.99 42.07 2.64
CA GLY A 146 -7.10 43.17 2.37
C GLY A 146 -6.05 42.87 1.32
N ILE A 147 -6.33 41.89 0.48
CA ILE A 147 -5.50 41.59 -0.68
C ILE A 147 -5.64 42.70 -1.72
N LYS A 148 -4.52 43.09 -2.32
CA LYS A 148 -4.48 44.20 -3.26
C LYS A 148 -4.58 43.70 -4.68
N THR A 149 -3.83 42.64 -4.96
CA THR A 149 -3.69 42.10 -6.30
C THR A 149 -4.12 40.64 -6.36
N VAL A 150 -4.97 40.30 -7.33
CA VAL A 150 -5.42 38.92 -7.51
C VAL A 150 -5.17 38.49 -8.95
N LEU A 151 -4.56 37.31 -9.09
CA LEU A 151 -4.38 36.69 -10.40
C LEU A 151 -5.51 35.67 -10.61
N ILE A 152 -6.21 35.76 -11.74
CA ILE A 152 -7.30 34.85 -12.05
C ILE A 152 -7.07 34.25 -13.43
N PRO A 153 -7.67 33.10 -13.73
CA PRO A 153 -7.54 32.52 -15.08
C PRO A 153 -8.13 33.43 -16.14
N PHE A 154 -7.51 33.48 -17.32
CA PHE A 154 -7.96 34.35 -18.39
C PHE A 154 -9.44 34.10 -18.68
N GLU A 155 -9.84 32.83 -18.68
CA GLU A 155 -11.21 32.45 -19.04
C GLU A 155 -12.25 32.74 -17.95
N ASN A 156 -11.81 33.33 -16.83
CA ASN A 156 -12.76 33.80 -15.81
C ASN A 156 -13.06 35.30 -15.96
N LYS A 157 -12.62 35.90 -17.06
CA LYS A 157 -12.89 37.33 -17.27
C LYS A 157 -14.39 37.58 -17.30
N ARG A 158 -15.11 36.64 -17.89
CA ARG A 158 -16.56 36.75 -18.04
C ARG A 158 -17.24 36.84 -16.67
N ASP A 159 -16.64 36.23 -15.67
CA ASP A 159 -17.23 36.20 -14.32
C ASP A 159 -17.09 37.51 -13.54
N LEU A 160 -16.22 38.40 -14.00
CA LEU A 160 -16.00 39.68 -13.31
C LEU A 160 -17.24 40.57 -13.32
N GLU A 161 -18.16 40.30 -14.24
CA GLU A 161 -19.39 41.09 -14.34
C GLU A 161 -20.28 41.00 -13.10
N GLU A 162 -20.30 39.81 -12.48
CA GLU A 162 -21.20 39.56 -11.35
C GLU A 162 -20.62 40.09 -10.05
N ILE A 163 -19.35 40.50 -10.09
CA ILE A 163 -18.66 41.01 -8.91
C ILE A 163 -19.18 42.40 -8.61
N PRO A 164 -19.53 42.68 -7.33
CA PRO A 164 -19.96 44.03 -6.94
C PRO A 164 -18.96 45.09 -7.41
N ASP A 165 -19.46 46.24 -7.84
CA ASP A 165 -18.61 47.27 -8.45
C ASP A 165 -17.46 47.72 -7.54
N ASN A 166 -17.76 47.91 -6.27
CA ASN A 166 -16.79 48.45 -5.32
C ASN A 166 -15.60 47.52 -5.11
N VAL A 167 -15.85 46.22 -5.19
CA VAL A 167 -14.81 45.22 -5.01
C VAL A 167 -13.87 45.22 -6.21
N ILE A 168 -14.47 45.26 -7.40
CA ILE A 168 -13.72 45.37 -8.66
C ILE A 168 -12.79 46.58 -8.63
N ALA A 169 -13.28 47.70 -8.11
CA ALA A 169 -12.48 48.92 -8.06
C ALA A 169 -11.32 48.83 -7.06
N ASP A 170 -11.52 48.07 -5.98
CA ASP A 170 -10.52 47.98 -4.92
C ASP A 170 -9.39 47.00 -5.25
N LEU A 171 -9.68 46.00 -6.08
CA LEU A 171 -8.71 44.99 -6.40
C LEU A 171 -7.99 45.28 -7.71
N ASP A 172 -6.71 44.92 -7.78
CA ASP A 172 -5.96 44.95 -9.04
C ASP A 172 -6.01 43.53 -9.60
N ILE A 173 -6.81 43.31 -10.63
CA ILE A 173 -7.08 41.95 -11.13
C ILE A 173 -6.39 41.66 -12.44
N HIS A 174 -5.55 40.62 -12.45
CA HIS A 174 -4.78 40.24 -13.65
C HIS A 174 -5.21 38.87 -14.14
N PRO A 175 -5.93 38.82 -15.28
CA PRO A 175 -6.26 37.52 -15.87
C PRO A 175 -5.02 36.98 -16.58
N VAL A 176 -4.66 35.73 -16.29
CA VAL A 176 -3.46 35.10 -16.84
C VAL A 176 -3.79 33.87 -17.68
N LYS A 177 -3.04 33.65 -18.74
CA LYS A 177 -3.23 32.46 -19.57
C LYS A 177 -2.32 31.32 -19.15
N ARG A 178 -1.11 31.66 -18.69
CA ARG A 178 -0.08 30.63 -18.52
C ARG A 178 0.74 30.87 -17.27
N ILE A 179 1.43 29.82 -16.82
CA ILE A 179 2.16 29.88 -15.56
C ILE A 179 3.33 30.87 -15.59
N GLU A 180 3.91 31.11 -16.77
CA GLU A 180 5.02 32.07 -16.84
C GLU A 180 4.55 33.44 -16.36
N GLU A 181 3.33 33.82 -16.74
CA GLU A 181 2.76 35.10 -16.32
C GLU A 181 2.58 35.14 -14.83
N VAL A 182 2.06 34.05 -14.29
CA VAL A 182 1.84 33.96 -12.84
C VAL A 182 3.13 34.21 -12.06
N LEU A 183 4.19 33.54 -12.47
CA LEU A 183 5.46 33.65 -11.78
C LEU A 183 6.06 35.05 -11.89
N THR A 184 5.96 35.65 -13.07
CA THR A 184 6.46 37.02 -13.29
C THR A 184 5.72 38.00 -12.38
N LEU A 185 4.42 37.82 -12.23
CA LEU A 185 3.61 38.74 -11.43
C LEU A 185 3.75 38.52 -9.92
N ALA A 186 3.99 37.29 -9.51
CA ALA A 186 3.92 36.92 -8.08
C ALA A 186 5.26 36.88 -7.36
N LEU A 187 6.35 36.70 -8.11
CA LEU A 187 7.65 36.55 -7.46
C LEU A 187 8.38 37.89 -7.39
N GLN A 188 9.15 38.09 -6.32
CA GLN A 188 9.85 39.35 -6.10
C GLN A 188 10.88 39.65 -7.20
N ASN A 189 11.65 38.64 -7.60
CA ASN A 189 12.51 38.83 -8.76
C ASN A 189 12.02 38.13 -10.02
N GLU A 190 12.72 38.40 -11.11
CA GLU A 190 12.41 37.86 -12.42
C GLU A 190 12.94 36.43 -12.48
N PRO A 191 12.04 35.45 -12.66
CA PRO A 191 12.52 34.07 -12.78
C PRO A 191 13.21 33.80 -14.12
N ASN B 9 11.97 10.92 33.29
CA ASN B 9 12.80 11.48 32.23
C ASN B 9 12.05 12.53 31.44
N ARG B 10 12.64 13.72 31.34
CA ARG B 10 11.98 14.84 30.67
C ARG B 10 12.45 15.08 29.25
N VAL B 11 13.39 14.26 28.76
CA VAL B 11 13.87 14.39 27.38
C VAL B 11 12.87 13.74 26.43
N GLY B 12 12.38 14.52 25.47
CA GLY B 12 11.46 14.00 24.46
C GLY B 12 10.04 13.83 24.94
N GLN B 13 9.77 14.32 26.15
CA GLN B 13 8.47 14.19 26.79
C GLN B 13 7.85 15.56 26.97
N VAL B 14 6.69 15.80 26.37
CA VAL B 14 6.05 17.11 26.47
C VAL B 14 4.59 16.93 26.82
N THR B 15 4.08 17.80 27.69
CA THR B 15 2.68 17.77 28.02
C THR B 15 1.94 18.66 27.05
N GLY B 16 1.14 18.05 26.18
CA GLY B 16 0.34 18.83 25.26
C GLY B 16 -1.06 18.96 25.79
N LEU B 17 -1.78 19.96 25.30
CA LEU B 17 -3.20 20.05 25.54
C LEU B 17 -3.87 19.96 24.17
N ALA B 18 -4.64 18.90 23.97
CA ALA B 18 -5.28 18.65 22.68
C ALA B 18 -6.50 17.77 22.88
N TRP B 19 -7.29 17.62 21.83
CA TRP B 19 -8.56 16.91 21.92
C TRP B 19 -8.44 15.40 22.08
N THR B 20 -9.20 14.84 23.01
CA THR B 20 -9.35 13.39 23.14
C THR B 20 -10.82 13.01 23.12
N GLU B 21 -11.09 11.74 22.83
CA GLU B 21 -12.46 11.21 22.84
C GLU B 21 -13.10 11.40 24.21
N VAL B 22 -12.28 11.40 25.25
CA VAL B 22 -12.71 11.79 26.60
C VAL B 22 -12.48 13.29 26.85
N GLY B 23 -13.12 14.13 26.03
CA GLY B 23 -13.03 15.58 26.15
C GLY B 23 -11.71 16.19 25.70
N GLY B 24 -11.73 17.48 25.37
CA GLY B 24 -10.51 18.24 25.15
C GLY B 24 -9.66 18.10 26.40
N ASP B 25 -8.38 17.76 26.23
CA ASP B 25 -7.66 17.11 27.31
C ASP B 25 -6.16 17.35 27.34
N LEU B 26 -5.50 16.59 28.21
CA LEU B 26 -4.06 16.65 28.42
C LEU B 26 -3.38 15.42 27.81
N LEU B 27 -2.26 15.65 27.15
CA LEU B 27 -1.55 14.58 26.42
C LEU B 27 -0.11 14.49 26.89
N THR B 28 0.30 13.30 27.32
CA THR B 28 1.71 13.08 27.60
C THR B 28 2.36 12.54 26.32
N ILE B 29 3.03 13.43 25.59
CA ILE B 29 3.65 13.08 24.32
C ILE B 29 5.06 12.56 24.55
N GLU B 30 5.32 11.38 24.00
CA GLU B 30 6.63 10.76 24.12
C GLU B 30 7.27 10.67 22.76
N THR B 31 8.59 10.79 22.74
CA THR B 31 9.32 10.59 21.51
C THR B 31 10.56 9.79 21.82
N ALA B 32 10.96 8.95 20.88
CA ALA B 32 12.24 8.29 21.00
C ALA B 32 12.96 8.50 19.68
N CYS B 33 14.24 8.83 19.77
CA CYS B 33 15.07 8.98 18.58
CA CYS B 33 15.04 8.93 18.57
C CYS B 33 16.28 8.07 18.73
N VAL B 34 16.39 7.08 17.87
CA VAL B 34 17.52 6.15 17.93
C VAL B 34 18.22 6.15 16.59
N PRO B 35 19.53 5.88 16.60
CA PRO B 35 20.27 5.58 15.38
C PRO B 35 19.47 4.60 14.53
N GLY B 36 19.24 4.97 13.27
CA GLY B 36 18.47 4.15 12.36
C GLY B 36 18.68 4.62 10.94
N LYS B 37 17.71 4.36 10.07
CA LYS B 37 17.86 4.69 8.67
C LYS B 37 16.90 5.77 8.24
N GLY B 38 16.11 6.27 9.18
CA GLY B 38 15.23 7.40 8.90
C GLY B 38 13.75 7.09 8.89
N LYS B 39 13.33 6.11 9.67
CA LYS B 39 11.91 5.79 9.67
C LYS B 39 11.14 6.48 10.79
N LEU B 40 9.94 6.93 10.45
CA LEU B 40 9.10 7.70 11.34
C LEU B 40 7.90 6.86 11.72
N THR B 41 7.69 6.67 13.02
CA THR B 41 6.56 5.91 13.53
C THR B 41 5.77 6.83 14.45
N TYR B 42 4.45 6.85 14.29
CA TYR B 42 3.60 7.65 15.19
C TYR B 42 2.47 6.74 15.64
N THR B 43 2.27 6.64 16.95
CA THR B 43 1.28 5.75 17.51
C THR B 43 0.55 6.38 18.68
N GLY B 44 -0.56 5.77 19.09
CA GLY B 44 -1.33 6.23 20.22
C GLY B 44 -2.77 6.56 19.88
N SER B 45 -3.36 5.78 18.98
CA SER B 45 -4.71 5.99 18.49
C SER B 45 -4.90 7.43 17.98
N LEU B 46 -3.94 7.87 17.17
CA LEU B 46 -3.93 9.23 16.62
C LEU B 46 -4.76 9.32 15.34
N GLY B 47 -5.62 10.33 15.28
CA GLY B 47 -6.44 10.56 14.10
C GLY B 47 -5.62 11.26 13.04
N GLU B 48 -6.15 11.32 11.83
CA GLU B 48 -5.38 11.80 10.68
C GLU B 48 -4.90 13.23 10.82
N VAL B 49 -5.75 14.10 11.36
CA VAL B 49 -5.35 15.49 11.52
C VAL B 49 -4.18 15.61 12.52
N MET B 50 -4.19 14.81 13.58
CA MET B 50 -3.07 14.80 14.51
C MET B 50 -1.79 14.24 13.89
N GLN B 51 -1.91 13.19 13.10
CA GLN B 51 -0.77 12.63 12.39
C GLN B 51 -0.17 13.69 11.48
N GLU B 52 -1.02 14.42 10.77
CA GLU B 52 -0.50 15.47 9.90
C GLU B 52 0.25 16.56 10.68
N SER B 53 -0.18 16.83 11.90
CA SER B 53 0.48 17.86 12.70
C SER B 53 1.87 17.40 13.10
N ILE B 54 2.02 16.09 13.26
CA ILE B 54 3.35 15.53 13.53
C ILE B 54 4.26 15.74 12.32
N GLN B 55 3.75 15.43 11.13
CA GLN B 55 4.53 15.63 9.90
C GLN B 55 4.93 17.08 9.74
N ALA B 56 4.00 18.00 10.03
CA ALA B 56 4.31 19.42 9.95
C ALA B 56 5.37 19.80 10.97
N ALA B 57 5.20 19.34 12.20
CA ALA B 57 6.17 19.66 13.23
C ALA B 57 7.57 19.18 12.86
N LEU B 58 7.64 18.00 12.24
CA LEU B 58 8.93 17.41 11.90
C LEU B 58 9.59 18.18 10.77
N THR B 59 8.77 18.67 9.85
CA THR B 59 9.30 19.47 8.77
C THR B 59 9.87 20.79 9.29
N VAL B 60 9.23 21.39 10.30
CA VAL B 60 9.73 22.60 10.95
C VAL B 60 11.14 22.35 11.49
N VAL B 61 11.32 21.21 12.16
CA VAL B 61 12.63 20.83 12.68
C VAL B 61 13.66 20.63 11.56
N ARG B 62 13.28 19.93 10.50
CA ARG B 62 14.22 19.71 9.39
C ARG B 62 14.68 21.03 8.80
N ALA B 63 13.73 21.94 8.59
CA ALA B 63 14.03 23.24 7.98
C ALA B 63 14.97 24.08 8.83
N ARG B 64 14.94 23.84 10.14
CA ARG B 64 15.70 24.65 11.11
C ARG B 64 16.80 23.86 11.80
N ALA B 65 17.11 22.67 11.31
CA ALA B 65 18.01 21.75 12.02
C ALA B 65 19.34 22.38 12.45
N GLU B 66 20.07 22.97 11.52
CA GLU B 66 21.36 23.56 11.88
C GLU B 66 21.25 24.68 12.92
N LYS B 67 20.27 25.55 12.74
CA LYS B 67 20.03 26.61 13.73
C LYS B 67 19.69 26.02 15.10
N LEU B 68 19.12 24.83 15.11
CA LEU B 68 18.72 24.18 16.36
C LEU B 68 19.83 23.30 16.93
N GLY B 69 20.98 23.29 16.28
CA GLY B 69 22.08 22.45 16.72
C GLY B 69 21.83 20.98 16.48
N ILE B 70 20.95 20.68 15.53
CA ILE B 70 20.70 19.30 15.13
C ILE B 70 21.43 19.03 13.82
N ASN B 71 22.11 17.89 13.75
CA ASN B 71 22.74 17.46 12.50
C ASN B 71 21.68 17.24 11.42
N PRO B 72 21.80 17.97 10.30
CA PRO B 72 20.79 17.96 9.22
C PRO B 72 20.66 16.61 8.51
N ASP B 73 21.43 15.61 8.94
CA ASP B 73 21.33 14.28 8.35
C ASP B 73 20.50 13.33 9.22
N PHE B 74 19.96 13.86 10.30
CA PHE B 74 19.21 13.05 11.25
C PHE B 74 18.06 12.33 10.56
N TYR B 75 17.52 12.94 9.51
CA TYR B 75 16.40 12.38 8.77
C TYR B 75 16.81 11.06 8.12
N GLU B 76 18.13 10.88 7.99
CA GLU B 76 18.72 9.72 7.33
C GLU B 76 19.35 8.74 8.31
N LYS B 77 19.67 9.22 9.51
CA LYS B 77 20.48 8.45 10.43
C LYS B 77 19.74 8.11 11.70
N ARG B 78 18.56 8.70 11.88
CA ARG B 78 17.78 8.46 13.08
C ARG B 78 16.41 7.85 12.76
N ASP B 79 15.99 6.88 13.57
CA ASP B 79 14.59 6.48 13.55
C ASP B 79 13.88 7.21 14.68
N ILE B 80 12.69 7.74 14.38
CA ILE B 80 11.94 8.52 15.34
C ILE B 80 10.56 7.90 15.52
N HIS B 81 10.19 7.71 16.78
CA HIS B 81 8.91 7.16 17.17
C HIS B 81 8.23 8.19 18.08
N VAL B 82 7.07 8.66 17.66
CA VAL B 82 6.25 9.52 18.49
C VAL B 82 5.08 8.68 19.01
N HIS B 83 4.90 8.63 20.33
CA HIS B 83 3.84 7.82 20.92
C HIS B 83 3.07 8.62 21.95
N VAL B 84 1.74 8.52 21.95
CA VAL B 84 0.93 9.27 22.90
C VAL B 84 0.02 8.35 23.73
N PRO B 85 0.49 7.93 24.91
CA PRO B 85 -0.36 7.15 25.83
C PRO B 85 -1.50 8.02 26.34
N GLU B 86 -2.62 7.47 26.82
CA GLU B 86 -2.89 6.04 26.87
C GLU B 86 -3.10 5.53 25.46
N GLY B 87 -2.59 4.35 25.18
CA GLY B 87 -2.65 3.80 23.84
C GLY B 87 -4.02 3.64 23.22
N ALA B 88 -5.03 3.35 24.04
CA ALA B 88 -6.36 3.06 23.48
C ALA B 88 -7.27 4.28 23.34
N THR B 89 -6.83 5.42 23.84
CA THR B 89 -7.70 6.59 23.85
C THR B 89 -7.53 7.37 22.56
N PRO B 90 -8.63 7.53 21.81
CA PRO B 90 -8.52 8.27 20.55
C PRO B 90 -8.19 9.75 20.77
N LYS B 91 -7.27 10.27 19.96
CA LYS B 91 -6.83 11.65 20.08
C LYS B 91 -6.78 12.23 18.67
N ASP B 92 -7.09 13.51 18.52
CA ASP B 92 -7.11 14.07 17.17
C ASP B 92 -7.04 15.57 17.21
N GLY B 93 -6.96 16.18 16.02
CA GLY B 93 -6.92 17.62 15.94
C GLY B 93 -5.48 18.13 15.84
N PRO B 94 -5.34 19.43 15.58
CA PRO B 94 -4.02 20.02 15.34
C PRO B 94 -3.39 20.66 16.57
N ALA B 95 -4.06 20.57 17.71
CA ALA B 95 -3.69 21.42 18.87
C ALA B 95 -2.38 21.00 19.54
N ALA B 96 -1.90 19.80 19.23
CA ALA B 96 -0.64 19.32 19.83
C ALA B 96 0.57 19.67 18.98
N GLY B 97 0.37 20.44 17.90
CA GLY B 97 1.43 20.78 16.97
C GLY B 97 2.71 21.31 17.59
N ILE B 98 2.61 22.36 18.40
CA ILE B 98 3.81 22.92 19.00
C ILE B 98 4.44 21.95 20.02
N ALA B 99 3.61 21.10 20.63
CA ALA B 99 4.15 20.11 21.58
C ALA B 99 4.93 19.05 20.83
N MET B 100 4.42 18.65 19.68
CA MET B 100 5.12 17.67 18.84
CA MET B 100 5.12 17.68 18.84
C MET B 100 6.48 18.22 18.44
N CYS B 101 6.50 19.48 18.00
CA CYS B 101 7.75 20.11 17.59
C CYS B 101 8.75 20.15 18.74
N THR B 102 8.29 20.63 19.90
CA THR B 102 9.12 20.72 21.08
C THR B 102 9.69 19.36 21.46
N ALA B 103 8.83 18.34 21.45
CA ALA B 103 9.25 16.98 21.81
C ALA B 103 10.33 16.47 20.87
N LEU B 104 10.14 16.71 19.58
CA LEU B 104 11.12 16.30 18.57
C LEU B 104 12.46 16.99 18.78
N VAL B 105 12.43 18.31 18.95
CA VAL B 105 13.67 19.06 19.17
C VAL B 105 14.41 18.55 20.41
N SER B 106 13.66 18.29 21.48
CA SER B 106 14.25 17.81 22.73
C SER B 106 14.87 16.44 22.56
N CYS B 107 14.15 15.56 21.88
CA CYS B 107 14.61 14.21 21.63
C CYS B 107 15.91 14.26 20.82
N LEU B 108 15.90 15.02 19.73
CA LEU B 108 17.06 15.12 18.86
C LEU B 108 18.28 15.83 19.46
N THR B 109 18.07 16.67 20.47
CA THR B 109 19.17 17.45 21.05
C THR B 109 19.59 17.03 22.44
N GLY B 110 18.78 16.20 23.10
CA GLY B 110 19.08 15.80 24.47
C GLY B 110 18.79 16.91 25.47
N ASN B 111 18.09 17.94 25.01
CA ASN B 111 17.74 19.09 25.84
C ASN B 111 16.41 18.82 26.56
N PRO B 112 16.45 18.72 27.90
CA PRO B 112 15.25 18.27 28.61
C PRO B 112 14.15 19.34 28.65
N VAL B 113 12.90 18.91 28.76
CA VAL B 113 11.77 19.82 28.86
C VAL B 113 11.58 20.26 30.31
N ARG B 114 11.18 21.52 30.50
CA ARG B 114 10.98 22.03 31.86
C ARG B 114 9.82 21.32 32.55
N ALA B 115 9.96 21.07 33.85
CA ALA B 115 8.86 20.48 34.60
C ALA B 115 7.66 21.43 34.66
N ASP B 116 6.46 20.84 34.68
CA ASP B 116 5.24 21.59 34.98
C ASP B 116 4.94 22.61 33.89
N VAL B 117 5.32 22.26 32.67
CA VAL B 117 4.99 23.05 31.48
C VAL B 117 4.00 22.26 30.60
N ALA B 118 2.99 22.94 30.05
CA ALA B 118 2.16 22.33 29.00
C ALA B 118 1.97 23.35 27.92
N MET B 119 1.57 22.90 26.75
CA MET B 119 1.39 23.84 25.66
C MET B 119 0.32 23.34 24.71
N THR B 120 -0.31 24.29 24.04
CA THR B 120 -1.34 23.98 23.06
C THR B 120 -1.20 25.00 21.93
N GLY B 121 -1.39 24.54 20.71
CA GLY B 121 -1.20 25.43 19.56
C GLY B 121 -0.97 24.64 18.29
N GLU B 122 -1.58 25.11 17.20
CA GLU B 122 -1.36 24.53 15.89
C GLU B 122 -0.09 25.13 15.28
N ILE B 123 0.73 24.30 14.66
CA ILE B 123 2.01 24.77 14.08
C ILE B 123 1.88 24.87 12.56
N THR B 124 2.60 25.84 11.97
CA THR B 124 2.70 25.92 10.52
C THR B 124 4.14 25.65 10.10
N LEU B 125 4.38 25.37 8.80
CA LEU B 125 5.74 25.13 8.35
C LEU B 125 6.64 26.34 8.59
N ARG B 126 6.06 27.54 8.57
CA ARG B 126 6.84 28.77 8.75
C ARG B 126 7.14 28.99 10.23
N GLY B 127 6.44 28.24 11.07
CA GLY B 127 6.70 28.28 12.51
C GLY B 127 5.77 29.17 13.31
N GLN B 128 4.74 29.68 12.66
CA GLN B 128 3.76 30.52 13.35
C GLN B 128 2.82 29.63 14.15
N VAL B 129 2.40 30.10 15.32
CA VAL B 129 1.50 29.33 16.16
C VAL B 129 0.08 29.82 15.96
N LEU B 130 -0.81 28.93 15.53
CA LEU B 130 -2.20 29.30 15.23
C LEU B 130 -3.16 28.94 16.36
N PRO B 131 -4.27 29.68 16.48
CA PRO B 131 -5.20 29.48 17.60
C PRO B 131 -5.92 28.14 17.56
N ILE B 132 -6.33 27.64 18.73
CA ILE B 132 -7.03 26.36 18.82
C ILE B 132 -8.40 26.51 19.45
N GLY B 133 -9.15 25.42 19.55
CA GLY B 133 -10.48 25.47 20.15
C GLY B 133 -10.49 24.85 21.54
N GLY B 134 -11.58 25.05 22.28
CA GLY B 134 -11.73 24.41 23.59
C GLY B 134 -10.66 24.79 24.60
N LEU B 135 -10.27 26.06 24.62
CA LEU B 135 -9.21 26.49 25.51
C LEU B 135 -9.56 26.24 26.98
N LYS B 136 -10.82 26.43 27.33
CA LYS B 136 -11.22 26.35 28.74
C LYS B 136 -11.01 24.94 29.28
N GLU B 137 -11.36 23.95 28.47
CA GLU B 137 -11.21 22.55 28.87
C GLU B 137 -9.74 22.18 28.92
N LYS B 138 -8.96 22.73 28.01
CA LYS B 138 -7.53 22.50 27.99
C LYS B 138 -6.84 23.06 29.23
N LEU B 139 -7.22 24.26 29.64
CA LEU B 139 -6.63 24.86 30.83
C LEU B 139 -7.12 24.19 32.10
N LEU B 140 -8.37 23.73 32.08
CA LEU B 140 -8.90 22.98 33.21
C LEU B 140 -8.10 21.70 33.41
N ALA B 141 -7.78 21.02 32.31
CA ALA B 141 -7.00 19.80 32.37
C ALA B 141 -5.59 20.11 32.84
N ALA B 142 -5.05 21.24 32.38
CA ALA B 142 -3.75 21.70 32.83
C ALA B 142 -3.74 21.93 34.34
N HIS B 143 -4.78 22.59 34.84
CA HIS B 143 -4.89 22.94 36.26
C HIS B 143 -4.91 21.69 37.14
N ARG B 144 -5.65 20.67 36.70
CA ARG B 144 -5.76 19.42 37.45
C ARG B 144 -4.50 18.57 37.35
N GLY B 145 -3.73 18.77 36.28
CA GLY B 145 -2.48 18.04 36.12
C GLY B 145 -1.32 18.68 36.87
N GLY B 146 -1.59 19.80 37.54
CA GLY B 146 -0.56 20.46 38.34
C GLY B 146 0.41 21.21 37.49
N ILE B 147 -0.03 21.56 36.28
CA ILE B 147 0.76 22.39 35.39
C ILE B 147 0.85 23.81 35.96
N LYS B 148 2.02 24.44 35.86
CA LYS B 148 2.24 25.77 36.40
C LYS B 148 2.46 26.82 35.32
N THR B 149 3.03 26.38 34.19
CA THR B 149 3.28 27.25 33.05
C THR B 149 2.56 26.67 31.85
N VAL B 150 1.73 27.46 31.16
CA VAL B 150 1.03 26.99 29.98
C VAL B 150 1.28 27.93 28.80
N LEU B 151 1.72 27.39 27.67
CA LEU B 151 1.92 28.21 26.48
C LEU B 151 0.69 28.06 25.59
N ILE B 152 0.11 29.19 25.15
CA ILE B 152 -1.07 29.15 24.28
C ILE B 152 -0.86 30.06 23.08
N PRO B 153 -1.61 29.83 21.98
CA PRO B 153 -1.44 30.73 20.85
C PRO B 153 -1.84 32.15 21.16
N PHE B 154 -1.15 33.10 20.57
CA PHE B 154 -1.38 34.50 20.86
C PHE B 154 -2.84 34.87 20.59
N GLU B 155 -3.40 34.37 19.49
CA GLU B 155 -4.79 34.66 19.16
C GLU B 155 -5.83 34.04 20.09
N ASN B 156 -5.40 33.17 21.01
CA ASN B 156 -6.32 32.65 22.03
C ASN B 156 -6.40 33.51 23.27
N LYS B 157 -5.74 34.67 23.22
CA LYS B 157 -5.75 35.59 24.34
C LYS B 157 -7.16 35.96 24.77
N ARG B 158 -8.03 36.23 23.80
CA ARG B 158 -9.37 36.69 24.12
C ARG B 158 -10.19 35.59 24.82
N ASP B 159 -9.98 34.36 24.41
CA ASP B 159 -10.69 33.22 25.01
C ASP B 159 -10.43 33.09 26.52
N LEU B 160 -9.33 33.67 26.99
CA LEU B 160 -9.04 33.70 28.42
C LEU B 160 -10.14 34.42 29.19
N GLU B 161 -10.86 35.30 28.50
CA GLU B 161 -11.86 36.14 29.14
C GLU B 161 -13.15 35.39 29.49
N GLU B 162 -13.18 34.09 29.20
CA GLU B 162 -14.31 33.24 29.59
C GLU B 162 -13.89 32.19 30.62
N ILE B 163 -12.68 32.34 31.15
CA ILE B 163 -12.11 31.35 32.03
C ILE B 163 -12.15 31.80 33.50
N PRO B 164 -12.59 30.91 34.40
CA PRO B 164 -12.67 31.21 35.84
C PRO B 164 -11.36 31.78 36.37
N ASP B 165 -11.43 32.91 37.07
CA ASP B 165 -10.23 33.57 37.55
C ASP B 165 -9.49 32.74 38.59
N ASN B 166 -10.16 31.72 39.09
CA ASN B 166 -9.50 30.71 39.91
C ASN B 166 -8.39 30.05 39.12
N VAL B 167 -8.74 29.51 37.96
CA VAL B 167 -7.79 28.83 37.08
C VAL B 167 -6.73 29.79 36.54
N ILE B 168 -7.17 30.97 36.12
CA ILE B 168 -6.26 32.00 35.66
C ILE B 168 -5.18 32.27 36.69
N ALA B 169 -5.60 32.44 37.94
CA ALA B 169 -4.68 32.77 39.03
C ALA B 169 -3.55 31.76 39.25
N ASP B 170 -3.84 30.47 39.11
CA ASP B 170 -2.84 29.46 39.42
C ASP B 170 -1.98 29.02 38.24
N LEU B 171 -2.22 29.60 37.08
CA LEU B 171 -1.47 29.25 35.89
C LEU B 171 -0.62 30.43 35.40
N ASP B 172 0.62 30.16 35.00
CA ASP B 172 1.43 31.19 34.36
C ASP B 172 1.26 31.01 32.86
N ILE B 173 0.37 31.80 32.27
CA ILE B 173 -0.02 31.68 30.88
C ILE B 173 0.84 32.58 29.99
N HIS B 174 1.43 32.01 28.94
CA HIS B 174 2.23 32.78 27.99
C HIS B 174 1.65 32.64 26.60
N PRO B 175 0.96 33.67 26.09
CA PRO B 175 0.55 33.63 24.69
C PRO B 175 1.77 33.80 23.81
N VAL B 176 1.93 32.90 22.82
CA VAL B 176 3.10 32.90 21.95
C VAL B 176 2.69 33.05 20.50
N LYS B 177 3.49 33.78 19.72
CA LYS B 177 3.20 33.93 18.29
C LYS B 177 3.96 32.93 17.42
N ARG B 178 5.14 32.52 17.87
CA ARG B 178 6.08 31.77 17.04
C ARG B 178 6.75 30.59 17.76
N ILE B 179 7.26 29.65 16.98
CA ILE B 179 7.86 28.43 17.53
C ILE B 179 9.13 28.70 18.33
N GLU B 180 9.92 29.69 17.94
CA GLU B 180 11.13 30.01 18.72
C GLU B 180 10.80 30.39 20.16
N GLU B 181 9.75 31.18 20.36
CA GLU B 181 9.27 31.51 21.71
C GLU B 181 8.93 30.24 22.49
N VAL B 182 8.28 29.29 21.81
CA VAL B 182 7.91 28.03 22.45
C VAL B 182 9.13 27.27 22.95
N LEU B 183 10.13 27.12 22.10
CA LEU B 183 11.32 26.36 22.47
C LEU B 183 12.10 27.03 23.60
N THR B 184 12.12 28.37 23.56
CA THR B 184 12.78 29.14 24.61
C THR B 184 12.11 28.96 25.96
N LEU B 185 10.78 28.92 25.96
CA LEU B 185 10.03 28.80 27.23
C LEU B 185 9.92 27.37 27.74
N ALA B 186 10.03 26.39 26.85
CA ALA B 186 9.73 24.99 27.19
C ALA B 186 10.96 24.17 27.54
N LEU B 187 12.09 24.49 26.93
CA LEU B 187 13.31 23.69 27.08
C LEU B 187 14.18 24.22 28.22
N GLN B 188 14.91 23.32 28.87
CA GLN B 188 15.73 23.70 30.03
C GLN B 188 17.02 24.42 29.65
N ASN B 189 17.57 24.13 28.48
CA ASN B 189 18.82 24.79 28.08
C ASN B 189 18.68 25.67 26.85
N ARG C 10 11.65 -21.54 26.94
CA ARG C 10 11.13 -20.41 27.70
C ARG C 10 11.72 -19.08 27.19
N VAL C 11 12.51 -19.17 26.12
CA VAL C 11 13.07 -17.96 25.49
C VAL C 11 12.12 -17.41 24.43
N GLY C 12 11.74 -16.14 24.58
CA GLY C 12 10.86 -15.50 23.61
C GLY C 12 9.40 -15.87 23.79
N GLN C 13 9.07 -16.34 25.00
CA GLN C 13 7.72 -16.76 25.34
C GLN C 13 7.28 -16.15 26.65
N VAL C 14 6.22 -15.36 26.65
CA VAL C 14 5.73 -14.76 27.89
C VAL C 14 4.24 -14.98 28.07
N THR C 15 3.83 -15.34 29.29
CA THR C 15 2.42 -15.47 29.57
C THR C 15 1.85 -14.10 29.93
N GLY C 16 1.00 -13.58 29.06
CA GLY C 16 0.39 -12.28 29.27
C GLY C 16 -1.07 -12.49 29.61
N LEU C 17 -1.68 -11.44 30.12
CA LEU C 17 -3.12 -11.41 30.35
C LEU C 17 -3.60 -10.17 29.62
N ALA C 18 -4.43 -10.40 28.61
CA ALA C 18 -4.89 -9.32 27.74
C ALA C 18 -6.29 -9.63 27.18
N TRP C 19 -6.91 -8.65 26.56
CA TRP C 19 -8.29 -8.80 26.08
C TRP C 19 -8.33 -9.67 24.83
N THR C 20 -9.27 -10.61 24.78
CA THR C 20 -9.52 -11.38 23.58
C THR C 20 -11.01 -11.31 23.34
N GLU C 21 -11.44 -11.81 22.19
CA GLU C 21 -12.86 -11.81 21.83
C GLU C 21 -13.70 -12.51 22.89
N VAL C 22 -13.14 -13.55 23.51
CA VAL C 22 -13.81 -14.23 24.62
C VAL C 22 -13.83 -13.35 25.87
N GLY C 23 -12.97 -12.34 25.90
CA GLY C 23 -12.80 -11.50 27.08
C GLY C 23 -11.36 -11.57 27.54
N GLY C 24 -11.04 -10.89 28.63
CA GLY C 24 -9.71 -10.90 29.20
C GLY C 24 -9.27 -12.32 29.45
N ASP C 25 -8.06 -12.67 29.03
CA ASP C 25 -7.62 -14.07 29.10
C ASP C 25 -6.10 -14.26 29.15
N LEU C 26 -5.73 -15.48 29.48
CA LEU C 26 -4.36 -15.96 29.46
C LEU C 26 -3.92 -16.17 28.01
N LEU C 27 -2.87 -15.49 27.59
CA LEU C 27 -2.34 -15.68 26.24
C LEU C 27 -0.82 -15.80 26.24
N THR C 28 -0.29 -16.66 25.38
CA THR C 28 1.15 -16.81 25.27
C THR C 28 1.65 -15.87 24.19
N ILE C 29 2.42 -14.86 24.58
CA ILE C 29 3.05 -13.99 23.60
C ILE C 29 4.35 -14.63 23.13
N GLU C 30 4.50 -14.81 21.82
CA GLU C 30 5.73 -15.34 21.27
C GLU C 30 6.49 -14.28 20.50
N THR C 31 7.81 -14.40 20.50
CA THR C 31 8.64 -13.52 19.68
C THR C 31 9.79 -14.31 19.11
N ALA C 32 10.04 -14.14 17.82
CA ALA C 32 11.24 -14.70 17.23
C ALA C 32 12.09 -13.53 16.74
N CYS C 33 13.40 -13.68 16.86
CA CYS C 33 14.33 -12.64 16.45
C CYS C 33 15.42 -13.34 15.67
N VAL C 34 15.12 -13.62 14.41
CA VAL C 34 16.02 -14.36 13.53
C VAL C 34 16.91 -13.40 12.75
N PRO C 35 18.01 -13.90 12.17
CA PRO C 35 18.83 -13.05 11.30
C PRO C 35 18.02 -12.41 10.16
N GLY C 36 18.18 -11.10 9.99
CA GLY C 36 17.48 -10.36 8.96
C GLY C 36 18.01 -8.95 8.83
N LYS C 37 17.16 -8.02 8.40
CA LYS C 37 17.61 -6.65 8.12
C LYS C 37 16.72 -5.58 8.74
N GLY C 38 15.95 -5.97 9.76
CA GLY C 38 15.18 -5.00 10.53
C GLY C 38 13.70 -4.93 10.26
N LYS C 39 13.11 -6.06 9.88
CA LYS C 39 11.70 -6.11 9.52
C LYS C 39 10.86 -6.52 10.71
N LEU C 40 9.77 -5.81 10.97
CA LEU C 40 8.83 -6.21 12.01
C LEU C 40 7.61 -6.90 11.42
N THR C 41 7.25 -8.06 11.98
CA THR C 41 6.03 -8.75 11.63
C THR C 41 5.24 -9.01 12.90
N TYR C 42 3.93 -8.74 12.87
CA TYR C 42 3.07 -9.14 13.97
C TYR C 42 1.80 -9.80 13.47
N THR C 43 1.47 -10.93 14.09
CA THR C 43 0.35 -11.77 13.68
C THR C 43 -0.40 -12.31 14.91
N GLY C 44 -1.58 -12.88 14.71
CA GLY C 44 -2.39 -13.39 15.82
C GLY C 44 -3.77 -12.74 15.93
N SER C 45 -4.31 -12.28 14.81
CA SER C 45 -5.58 -11.60 14.78
C SER C 45 -5.58 -10.39 15.73
N LEU C 46 -4.53 -9.57 15.62
CA LEU C 46 -4.29 -8.42 16.48
C LEU C 46 -5.02 -7.16 16.03
N GLY C 47 -5.71 -6.49 16.96
CA GLY C 47 -6.34 -5.22 16.65
C GLY C 47 -5.29 -4.11 16.59
N GLU C 48 -5.63 -2.96 16.02
CA GLU C 48 -4.61 -1.92 15.86
C GLU C 48 -4.01 -1.41 17.16
N VAL C 49 -4.81 -1.29 18.22
CA VAL C 49 -4.26 -0.88 19.51
C VAL C 49 -3.20 -1.85 20.03
N MET C 50 -3.46 -3.14 19.89
CA MET C 50 -2.48 -4.14 20.29
C MET C 50 -1.23 -4.07 19.39
N GLN C 51 -1.44 -3.85 18.09
CA GLN C 51 -0.33 -3.67 17.16
C GLN C 51 0.56 -2.50 17.58
N GLU C 52 -0.07 -1.38 17.93
CA GLU C 52 0.70 -0.21 18.37
C GLU C 52 1.48 -0.48 19.66
N SER C 53 0.92 -1.29 20.55
CA SER C 53 1.62 -1.67 21.76
C SER C 53 2.90 -2.43 21.45
N ILE C 54 2.92 -3.17 20.34
CA ILE C 54 4.11 -3.94 19.96
C ILE C 54 5.20 -2.99 19.52
N GLN C 55 4.82 -1.97 18.77
CA GLN C 55 5.76 -0.94 18.37
C GLN C 55 6.34 -0.18 19.56
N ALA C 56 5.50 0.17 20.53
CA ALA C 56 6.00 0.86 21.72
C ALA C 56 6.95 -0.06 22.51
N ALA C 57 6.58 -1.32 22.66
CA ALA C 57 7.44 -2.27 23.34
C ALA C 57 8.81 -2.38 22.67
N LEU C 58 8.83 -2.41 21.34
CA LEU C 58 10.06 -2.56 20.58
C LEU C 58 10.95 -1.33 20.75
N THR C 59 10.33 -0.16 20.67
CA THR C 59 11.05 1.09 20.89
C THR C 59 11.67 1.15 22.30
N VAL C 60 10.98 0.61 23.30
CA VAL C 60 11.54 0.57 24.66
C VAL C 60 12.87 -0.20 24.65
N VAL C 61 12.86 -1.35 23.98
CA VAL C 61 14.05 -2.19 23.85
C VAL C 61 15.16 -1.52 23.07
N ARG C 62 14.83 -0.92 21.92
CA ARG C 62 15.82 -0.22 21.10
C ARG C 62 16.45 0.93 21.86
N ALA C 63 15.64 1.61 22.66
CA ALA C 63 16.13 2.79 23.37
C ALA C 63 17.06 2.40 24.51
N ARG C 64 16.85 1.21 25.06
CA ARG C 64 17.63 0.72 26.20
C ARG C 64 18.52 -0.47 25.84
N ALA C 65 18.77 -0.68 24.56
CA ALA C 65 19.52 -1.85 24.08
C ALA C 65 20.79 -2.15 24.90
N GLU C 66 21.67 -1.17 25.02
CA GLU C 66 22.96 -1.36 25.67
C GLU C 66 22.85 -1.68 27.16
N LYS C 67 21.99 -0.96 27.87
CA LYS C 67 21.80 -1.24 29.29
C LYS C 67 21.13 -2.59 29.50
N LEU C 68 20.50 -3.09 28.44
CA LEU C 68 19.82 -4.39 28.47
C LEU C 68 20.77 -5.54 28.09
N GLY C 69 22.01 -5.22 27.76
CA GLY C 69 22.95 -6.23 27.33
C GLY C 69 22.72 -6.66 25.89
N ILE C 70 22.01 -5.84 25.13
CA ILE C 70 21.74 -6.13 23.73
C ILE C 70 22.61 -5.25 22.83
N ASN C 71 23.21 -5.86 21.80
CA ASN C 71 23.94 -5.10 20.79
C ASN C 71 23.03 -4.02 20.21
N PRO C 72 23.39 -2.74 20.40
CA PRO C 72 22.60 -1.57 20.05
C PRO C 72 22.22 -1.52 18.57
N ASP C 73 22.99 -2.21 17.74
CA ASP C 73 22.70 -2.24 16.31
C ASP C 73 22.04 -3.57 15.90
N PHE C 74 21.26 -4.12 16.82
CA PHE C 74 20.53 -5.36 16.55
C PHE C 74 19.45 -5.18 15.48
N TYR C 75 18.88 -3.98 15.40
CA TYR C 75 17.72 -3.77 14.53
C TYR C 75 18.03 -3.64 13.04
N GLU C 76 19.29 -3.67 12.65
CA GLU C 76 19.59 -3.82 11.23
C GLU C 76 20.19 -5.18 10.93
N LYS C 77 20.17 -6.08 11.92
CA LYS C 77 20.71 -7.42 11.71
C LYS C 77 19.78 -8.53 12.22
N ARG C 78 18.57 -8.14 12.60
CA ARG C 78 17.57 -9.10 13.05
C ARG C 78 16.23 -8.77 12.41
N ASP C 79 15.46 -9.79 12.07
CA ASP C 79 14.04 -9.59 11.77
C ASP C 79 13.26 -10.06 12.98
N ILE C 80 12.12 -9.42 13.24
CA ILE C 80 11.36 -9.75 14.43
C ILE C 80 9.89 -10.07 14.11
N HIS C 81 9.44 -11.21 14.63
CA HIS C 81 8.07 -11.65 14.46
C HIS C 81 7.44 -11.84 15.82
N VAL C 82 6.41 -11.04 16.11
CA VAL C 82 5.59 -11.24 17.30
C VAL C 82 4.33 -11.97 16.89
N HIS C 83 4.09 -13.14 17.48
CA HIS C 83 2.88 -13.89 17.23
C HIS C 83 2.16 -14.23 18.53
N VAL C 84 0.83 -14.12 18.52
CA VAL C 84 0.00 -14.43 19.68
C VAL C 84 -1.10 -15.42 19.34
N PRO C 85 -0.85 -16.72 19.56
CA PRO C 85 -1.90 -17.73 19.38
C PRO C 85 -2.97 -17.48 20.43
N GLU C 86 -4.19 -18.01 20.28
CA GLU C 86 -4.59 -18.82 19.14
C GLU C 86 -4.81 -17.92 17.92
N GLY C 87 -4.34 -18.38 16.77
CA GLY C 87 -4.33 -17.52 15.59
C GLY C 87 -5.67 -16.95 15.19
N ALA C 88 -6.75 -17.69 15.44
CA ALA C 88 -8.07 -17.28 14.96
C ALA C 88 -8.83 -16.39 15.94
N THR C 89 -8.33 -16.23 17.15
CA THR C 89 -9.06 -15.48 18.18
C THR C 89 -8.64 -14.02 18.18
N PRO C 90 -9.59 -13.12 17.85
CA PRO C 90 -9.33 -11.69 17.85
C PRO C 90 -8.82 -11.24 19.22
N LYS C 91 -7.80 -10.39 19.24
CA LYS C 91 -7.24 -9.87 20.47
C LYS C 91 -6.97 -8.39 20.25
N ASP C 92 -7.01 -7.59 21.31
CA ASP C 92 -6.74 -6.15 21.12
C ASP C 92 -6.48 -5.50 22.46
N GLY C 93 -6.09 -4.23 22.43
CA GLY C 93 -5.85 -3.51 23.66
C GLY C 93 -4.37 -3.45 23.98
N PRO C 94 -4.00 -2.59 24.93
CA PRO C 94 -2.60 -2.32 25.23
C PRO C 94 -2.06 -3.20 26.36
N ALA C 95 -2.88 -4.10 26.86
CA ALA C 95 -2.56 -4.77 28.14
C ALA C 95 -1.45 -5.82 28.06
N ALA C 96 -1.03 -6.18 26.86
CA ALA C 96 0.06 -7.12 26.68
C ALA C 96 1.40 -6.41 26.49
N GLY C 97 1.38 -5.08 26.59
CA GLY C 97 2.57 -4.29 26.38
C GLY C 97 3.82 -4.77 27.10
N ILE C 98 3.75 -4.88 28.43
CA ILE C 98 4.92 -5.32 29.18
C ILE C 98 5.35 -6.75 28.85
N ALA C 99 4.41 -7.58 28.41
CA ALA C 99 4.73 -8.94 28.02
C ALA C 99 5.48 -8.94 26.68
N MET C 100 5.06 -8.08 25.77
CA MET C 100 5.72 -7.91 24.47
CA MET C 100 5.74 -7.98 24.49
C MET C 100 7.16 -7.49 24.70
N CYS C 101 7.33 -6.51 25.59
CA CYS C 101 8.64 -6.01 25.90
C CYS C 101 9.48 -7.12 26.53
N THR C 102 8.91 -7.82 27.51
CA THR C 102 9.61 -8.91 28.17
C THR C 102 10.04 -10.00 27.16
N ALA C 103 9.14 -10.37 26.26
CA ALA C 103 9.45 -11.41 25.26
C ALA C 103 10.56 -10.96 24.31
N LEU C 104 10.53 -9.70 23.90
CA LEU C 104 11.58 -9.17 23.03
C LEU C 104 12.95 -9.22 23.71
N VAL C 105 13.00 -8.75 24.95
CA VAL C 105 14.25 -8.78 25.71
C VAL C 105 14.73 -10.22 25.86
N SER C 106 13.82 -11.13 26.19
CA SER C 106 14.18 -12.55 26.33
C SER C 106 14.74 -13.10 25.02
N CYS C 107 14.06 -12.84 23.92
CA CYS C 107 14.49 -13.35 22.63
C CYS C 107 15.88 -12.83 22.27
N LEU C 108 16.09 -11.54 22.46
CA LEU C 108 17.35 -10.89 22.05
C LEU C 108 18.54 -11.19 22.96
N THR C 109 18.28 -11.57 24.21
CA THR C 109 19.35 -11.87 25.17
C THR C 109 19.54 -13.37 25.43
N GLY C 110 18.52 -14.16 25.11
CA GLY C 110 18.56 -15.59 25.37
C GLY C 110 18.28 -15.91 26.83
N ASN C 111 17.78 -14.90 27.55
CA ASN C 111 17.37 -15.07 28.94
C ASN C 111 15.96 -15.68 29.00
N PRO C 112 15.85 -16.92 29.50
CA PRO C 112 14.53 -17.57 29.51
C PRO C 112 13.53 -16.84 30.41
N VAL C 113 12.25 -16.90 30.06
CA VAL C 113 11.20 -16.28 30.86
C VAL C 113 10.61 -17.31 31.83
N ARG C 114 10.42 -16.91 33.10
CA ARG C 114 9.81 -17.80 34.08
C ARG C 114 8.38 -18.20 33.69
N ALA C 115 8.11 -19.49 33.72
CA ALA C 115 6.81 -20.03 33.30
C ALA C 115 5.76 -19.90 34.40
N ASP C 116 6.21 -19.64 35.61
CA ASP C 116 5.29 -19.49 36.74
C ASP C 116 4.75 -18.06 36.82
N VAL C 117 5.09 -17.22 35.85
CA VAL C 117 4.79 -15.80 35.93
C VAL C 117 3.87 -15.34 34.80
N ALA C 118 2.82 -14.62 35.14
CA ALA C 118 1.96 -14.00 34.13
C ALA C 118 2.03 -12.51 34.38
N MET C 119 1.74 -11.72 33.36
CA MET C 119 1.80 -10.28 33.55
C MET C 119 0.82 -9.53 32.65
N THR C 120 0.36 -8.38 33.14
CA THR C 120 -0.54 -7.52 32.38
C THR C 120 -0.16 -6.06 32.68
N GLY C 121 -0.29 -5.18 31.70
CA GLY C 121 0.11 -3.79 31.88
C GLY C 121 0.41 -3.12 30.55
N GLU C 122 0.01 -1.86 30.43
CA GLU C 122 0.33 -1.04 29.25
C GLU C 122 1.73 -0.47 29.45
N ILE C 123 2.52 -0.45 28.38
CA ILE C 123 3.87 0.10 28.47
C ILE C 123 3.94 1.46 27.74
N THR C 124 4.77 2.37 28.25
CA THR C 124 5.03 3.63 27.56
C THR C 124 6.48 3.66 27.10
N LEU C 125 6.84 4.62 26.25
CA LEU C 125 8.20 4.68 25.73
C LEU C 125 9.20 4.91 26.85
N ARG C 126 8.77 5.64 27.87
CA ARG C 126 9.60 5.89 29.05
C ARG C 126 9.75 4.64 29.93
N GLY C 127 9.04 3.56 29.59
CA GLY C 127 9.15 2.33 30.35
C GLY C 127 8.27 2.30 31.60
N GLN C 128 7.30 3.20 31.65
CA GLN C 128 6.31 3.21 32.72
C GLN C 128 5.22 2.16 32.46
N VAL C 129 4.69 1.58 33.54
CA VAL C 129 3.61 0.61 33.41
C VAL C 129 2.32 1.28 33.84
N LEU C 130 1.39 1.36 32.90
CA LEU C 130 0.12 2.07 33.08
C LEU C 130 -0.97 1.06 33.36
N PRO C 131 -1.96 1.47 34.18
CA PRO C 131 -3.02 0.54 34.61
C PRO C 131 -3.95 0.09 33.48
N ILE C 132 -4.54 -1.09 33.63
CA ILE C 132 -5.41 -1.66 32.61
C ILE C 132 -6.84 -1.91 33.10
N GLY C 133 -7.72 -2.33 32.21
CA GLY C 133 -9.09 -2.65 32.59
C GLY C 133 -9.27 -4.15 32.66
N GLY C 134 -10.43 -4.60 33.16
CA GLY C 134 -10.74 -6.03 33.21
C GLY C 134 -9.77 -6.87 34.03
N LEU C 135 -9.26 -6.30 35.13
CA LEU C 135 -8.31 -7.00 35.99
C LEU C 135 -8.91 -8.28 36.56
N LYS C 136 -10.18 -8.20 36.97
CA LYS C 136 -10.84 -9.36 37.55
C LYS C 136 -10.82 -10.56 36.62
N GLU C 137 -11.25 -10.34 35.38
CA GLU C 137 -11.31 -11.42 34.39
C GLU C 137 -9.90 -11.94 34.09
N LYS C 138 -8.93 -11.04 34.03
CA LYS C 138 -7.53 -11.42 33.83
C LYS C 138 -6.95 -12.28 34.94
N LEU C 139 -7.16 -11.87 36.18
CA LEU C 139 -6.66 -12.65 37.30
C LEU C 139 -7.41 -13.98 37.54
N LEU C 140 -8.68 -14.06 37.16
CA LEU C 140 -9.38 -15.34 37.22
C LEU C 140 -8.75 -16.31 36.21
N ALA C 141 -8.34 -15.79 35.06
CA ALA C 141 -7.75 -16.63 34.02
C ALA C 141 -6.40 -17.16 34.46
N ALA C 142 -5.59 -16.30 35.07
CA ALA C 142 -4.31 -16.71 35.64
C ALA C 142 -4.48 -17.82 36.68
N HIS C 143 -5.48 -17.67 37.55
CA HIS C 143 -5.76 -18.63 38.61
C HIS C 143 -6.18 -19.95 37.99
N ARG C 144 -7.11 -19.90 37.06
CA ARG C 144 -7.60 -21.12 36.40
C ARG C 144 -6.49 -21.79 35.58
N GLY C 145 -5.52 -21.00 35.14
CA GLY C 145 -4.38 -21.53 34.41
C GLY C 145 -3.31 -22.11 35.34
N GLY C 146 -3.49 -21.95 36.64
CA GLY C 146 -2.54 -22.47 37.62
C GLY C 146 -1.30 -21.60 37.74
N ILE C 147 -1.42 -20.33 37.40
CA ILE C 147 -0.31 -19.39 37.49
C ILE C 147 -0.13 -18.95 38.93
N LYS C 148 1.10 -18.96 39.43
CA LYS C 148 1.34 -18.57 40.83
C LYS C 148 1.60 -17.09 40.99
N THR C 149 2.39 -16.51 40.08
CA THR C 149 2.86 -15.15 40.25
C THR C 149 2.29 -14.30 39.12
N VAL C 150 1.68 -13.17 39.47
CA VAL C 150 1.15 -12.23 38.48
C VAL C 150 1.64 -10.82 38.72
N LEU C 151 2.21 -10.20 37.69
CA LEU C 151 2.65 -8.80 37.76
C LEU C 151 1.53 -7.93 37.23
N ILE C 152 1.15 -6.91 37.99
CA ILE C 152 0.09 -5.97 37.58
C ILE C 152 0.59 -4.55 37.73
N PRO C 153 -0.05 -3.61 37.02
CA PRO C 153 0.38 -2.22 37.15
C PRO C 153 0.08 -1.70 38.56
N PHE C 154 1.03 -0.99 39.15
CA PHE C 154 0.90 -0.43 40.50
C PHE C 154 -0.45 0.27 40.70
N GLU C 155 -0.90 1.02 39.70
CA GLU C 155 -2.17 1.73 39.84
C GLU C 155 -3.41 0.83 39.78
N ASN C 156 -3.20 -0.47 39.56
CA ASN C 156 -4.33 -1.42 39.61
C ASN C 156 -4.52 -2.06 40.98
N LYS C 157 -3.73 -1.64 41.97
CA LYS C 157 -3.79 -2.28 43.29
C LYS C 157 -5.18 -2.19 43.93
N ARG C 158 -5.82 -1.04 43.79
CA ARG C 158 -7.12 -0.85 44.43
C ARG C 158 -8.20 -1.70 43.74
N ASP C 159 -7.99 -2.06 42.47
CA ASP C 159 -8.94 -2.92 41.75
C ASP C 159 -8.95 -4.34 42.28
N LEU C 160 -7.94 -4.72 43.05
CA LEU C 160 -7.88 -6.06 43.64
C LEU C 160 -9.04 -6.31 44.60
N GLU C 161 -9.56 -5.24 45.19
CA GLU C 161 -10.62 -5.38 46.20
C GLU C 161 -11.97 -5.84 45.63
N GLU C 162 -12.12 -5.74 44.31
CA GLU C 162 -13.36 -6.19 43.67
C GLU C 162 -13.22 -7.58 43.06
N ILE C 163 -12.09 -8.22 43.34
CA ILE C 163 -11.84 -9.60 42.94
C ILE C 163 -11.96 -10.48 44.18
N PRO C 164 -12.63 -11.65 44.08
CA PRO C 164 -12.82 -12.56 45.22
C PRO C 164 -11.52 -12.78 46.01
N ASP C 165 -11.59 -12.71 47.33
CA ASP C 165 -10.40 -12.86 48.14
C ASP C 165 -9.78 -14.26 48.03
N ASN C 166 -10.61 -15.26 47.80
CA ASN C 166 -10.10 -16.63 47.65
C ASN C 166 -9.18 -16.80 46.43
N VAL C 167 -9.42 -16.02 45.39
CA VAL C 167 -8.56 -16.07 44.20
C VAL C 167 -7.28 -15.28 44.44
N ILE C 168 -7.43 -14.08 44.96
CA ILE C 168 -6.29 -13.23 45.31
C ILE C 168 -5.39 -13.84 46.38
N ALA C 169 -5.98 -14.55 47.34
CA ALA C 169 -5.20 -15.19 48.41
C ALA C 169 -4.22 -16.21 47.86
N ASP C 170 -4.54 -16.78 46.70
CA ASP C 170 -3.77 -17.87 46.09
C ASP C 170 -2.70 -17.33 45.15
N LEU C 171 -2.72 -16.03 44.94
CA LEU C 171 -1.84 -15.40 43.94
C LEU C 171 -0.76 -14.56 44.60
N ASP C 172 0.45 -14.67 44.06
CA ASP C 172 1.56 -13.85 44.54
C ASP C 172 1.59 -12.66 43.59
N ILE C 173 1.05 -11.53 44.05
CA ILE C 173 0.83 -10.40 43.15
C ILE C 173 1.91 -9.34 43.38
N HIS C 174 2.57 -8.95 42.30
CA HIS C 174 3.62 -7.94 42.37
C HIS C 174 3.18 -6.71 41.58
N PRO C 175 2.77 -5.65 42.29
CA PRO C 175 2.44 -4.41 41.58
C PRO C 175 3.73 -3.72 41.14
N VAL C 176 3.82 -3.34 39.88
CA VAL C 176 5.05 -2.76 39.33
C VAL C 176 4.78 -1.40 38.69
N LYS C 177 5.79 -0.52 38.70
CA LYS C 177 5.65 0.82 38.14
C LYS C 177 6.44 0.97 36.85
N ARG C 178 7.51 0.18 36.71
CA ARG C 178 8.50 0.39 35.64
C ARG C 178 8.94 -0.92 35.01
N ILE C 179 9.36 -0.86 33.75
CA ILE C 179 9.73 -2.08 33.01
C ILE C 179 10.90 -2.85 33.64
N GLU C 180 11.83 -2.13 34.28
CA GLU C 180 12.95 -2.80 34.96
C GLU C 180 12.49 -3.76 36.05
N GLU C 181 11.40 -3.41 36.74
CA GLU C 181 10.83 -4.28 37.76
C GLU C 181 10.26 -5.53 37.10
N VAL C 182 9.60 -5.33 35.98
CA VAL C 182 9.02 -6.44 35.23
C VAL C 182 10.10 -7.41 34.81
N LEU C 183 11.19 -6.89 34.23
CA LEU C 183 12.26 -7.75 33.73
C LEU C 183 12.98 -8.47 34.87
N THR C 184 13.18 -7.76 35.96
CA THR C 184 13.76 -8.37 37.15
C THR C 184 12.94 -9.57 37.63
N LEU C 185 11.62 -9.44 37.63
CA LEU C 185 10.79 -10.50 38.20
C LEU C 185 10.51 -11.64 37.23
N ALA C 186 10.49 -11.34 35.94
CA ALA C 186 10.03 -12.31 34.95
C ALA C 186 11.12 -13.10 34.26
N LEU C 187 12.33 -12.53 34.19
CA LEU C 187 13.43 -13.22 33.54
C LEU C 187 14.15 -14.15 34.50
N GLN C 188 14.44 -15.36 34.03
CA GLN C 188 15.05 -16.39 34.86
C GLN C 188 16.39 -15.93 35.42
N ASN C 189 17.16 -15.27 34.57
CA ASN C 189 18.47 -14.77 34.97
C ASN C 189 18.46 -13.27 35.18
N GLU C 190 19.30 -12.78 36.08
CA GLU C 190 19.44 -11.34 36.28
C GLU C 190 19.92 -10.65 35.02
N PRO C 191 19.06 -9.78 34.44
CA PRO C 191 19.34 -9.06 33.19
C PRO C 191 20.69 -8.34 33.20
N ARG D 10 6.18 -34.67 -5.42
CA ARG D 10 6.28 -34.91 -3.99
C ARG D 10 6.92 -33.73 -3.27
N VAL D 11 7.87 -33.07 -3.91
CA VAL D 11 8.55 -31.94 -3.27
C VAL D 11 7.67 -30.70 -3.24
N GLY D 12 7.49 -30.11 -2.07
CA GLY D 12 6.78 -28.84 -1.95
C GLY D 12 5.27 -28.97 -2.09
N GLN D 13 4.77 -30.19 -1.96
CA GLN D 13 3.33 -30.44 -1.97
C GLN D 13 2.98 -31.23 -0.73
N VAL D 14 2.03 -30.71 0.05
CA VAL D 14 1.57 -31.37 1.27
C VAL D 14 0.05 -31.44 1.30
N THR D 15 -0.48 -32.60 1.68
CA THR D 15 -1.92 -32.74 1.87
C THR D 15 -2.35 -32.21 3.24
N GLY D 16 -3.17 -31.17 3.27
CA GLY D 16 -3.63 -30.61 4.53
C GLY D 16 -5.12 -30.83 4.79
N LEU D 17 -5.53 -30.62 6.03
CA LEU D 17 -6.93 -30.63 6.39
C LEU D 17 -7.28 -29.30 7.06
N ALA D 18 -8.14 -28.52 6.41
CA ALA D 18 -8.53 -27.22 6.96
C ALA D 18 -9.88 -26.77 6.43
N TRP D 19 -10.35 -25.65 6.94
CA TRP D 19 -11.67 -25.14 6.58
C TRP D 19 -11.72 -24.50 5.20
N THR D 20 -12.70 -24.93 4.40
CA THR D 20 -13.03 -24.25 3.15
C THR D 20 -14.50 -23.87 3.22
N GLU D 21 -14.96 -23.13 2.22
CA GLU D 21 -16.34 -22.64 2.21
C GLU D 21 -17.39 -23.75 2.37
N VAL D 22 -17.05 -24.95 1.91
CA VAL D 22 -17.95 -26.10 2.08
C VAL D 22 -17.68 -26.85 3.39
N GLY D 23 -16.48 -26.70 3.95
CA GLY D 23 -16.15 -27.25 5.25
C GLY D 23 -14.68 -27.61 5.40
N GLY D 24 -14.34 -28.36 6.45
CA GLY D 24 -13.02 -28.93 6.56
C GLY D 24 -12.84 -29.93 5.43
N ASP D 25 -11.70 -29.89 4.76
CA ASP D 25 -11.50 -30.77 3.61
C ASP D 25 -10.04 -30.91 3.17
N LEU D 26 -9.80 -31.90 2.32
CA LEU D 26 -8.49 -32.15 1.71
C LEU D 26 -7.97 -30.92 0.97
N LEU D 27 -6.91 -30.33 1.50
CA LEU D 27 -6.22 -29.24 0.80
C LEU D 27 -4.91 -29.77 0.27
N THR D 28 -4.62 -29.51 -1.00
CA THR D 28 -3.25 -29.73 -1.48
C THR D 28 -2.48 -28.42 -1.44
N ILE D 29 -1.50 -28.35 -0.55
CA ILE D 29 -0.75 -27.13 -0.38
C ILE D 29 0.54 -27.17 -1.19
N GLU D 30 0.72 -26.17 -2.04
CA GLU D 30 1.92 -26.08 -2.86
C GLU D 30 2.84 -24.95 -2.46
N THR D 31 4.14 -25.19 -2.60
CA THR D 31 5.13 -24.13 -2.47
C THR D 31 6.15 -24.23 -3.60
N ALA D 32 6.64 -23.09 -4.02
CA ALA D 32 7.78 -23.01 -4.91
C ALA D 32 8.76 -22.08 -4.24
N CYS D 33 10.05 -22.39 -4.35
CA CYS D 33 11.08 -21.50 -3.82
C CYS D 33 12.17 -21.32 -4.86
N VAL D 34 11.91 -20.42 -5.80
CA VAL D 34 12.87 -20.12 -6.85
C VAL D 34 13.86 -19.06 -6.37
N PRO D 35 15.06 -19.04 -6.96
CA PRO D 35 15.99 -17.95 -6.65
C PRO D 35 15.35 -16.59 -6.92
N GLY D 36 15.57 -15.65 -6.00
CA GLY D 36 15.00 -14.32 -6.09
C GLY D 36 15.69 -13.44 -5.06
N LYS D 37 14.93 -12.55 -4.43
CA LYS D 37 15.52 -11.68 -3.42
C LYS D 37 14.63 -11.52 -2.19
N GLY D 38 13.73 -12.48 -1.99
CA GLY D 38 12.96 -12.55 -0.77
C GLY D 38 11.51 -12.13 -0.88
N LYS D 39 10.94 -12.29 -2.07
CA LYS D 39 9.52 -11.98 -2.25
C LYS D 39 8.65 -13.12 -1.74
N LEU D 40 7.62 -12.77 -0.98
CA LEU D 40 6.67 -13.75 -0.47
C LEU D 40 5.30 -13.54 -1.08
N THR D 41 4.76 -14.59 -1.68
CA THR D 41 3.46 -14.52 -2.33
C THR D 41 2.57 -15.65 -1.82
N TYR D 42 1.34 -15.32 -1.44
CA TYR D 42 0.40 -16.32 -0.90
C TYR D 42 -0.90 -16.24 -1.70
N THR D 43 -1.28 -17.33 -2.37
CA THR D 43 -2.48 -17.30 -3.23
C THR D 43 -3.37 -18.53 -3.02
N GLY D 44 -4.60 -18.45 -3.54
CA GLY D 44 -5.54 -19.56 -3.44
C GLY D 44 -6.77 -19.18 -2.64
N SER D 45 -7.19 -17.92 -2.78
CA SER D 45 -8.33 -17.40 -2.04
C SER D 45 -8.21 -17.64 -0.52
N LEU D 46 -7.04 -17.33 0.04
CA LEU D 46 -6.79 -17.51 1.46
C LEU D 46 -7.28 -16.34 2.32
N GLY D 47 -7.99 -16.66 3.39
CA GLY D 47 -8.41 -15.64 4.34
C GLY D 47 -7.24 -15.17 5.19
N GLU D 48 -7.46 -14.10 5.94
CA GLU D 48 -6.37 -13.47 6.67
C GLU D 48 -5.73 -14.37 7.71
N VAL D 49 -6.55 -15.14 8.43
CA VAL D 49 -6.01 -16.05 9.44
C VAL D 49 -5.13 -17.10 8.78
N MET D 50 -5.56 -17.61 7.62
CA MET D 50 -4.74 -18.60 6.93
C MET D 50 -3.43 -17.96 6.45
N GLN D 51 -3.51 -16.72 5.97
CA GLN D 51 -2.31 -16.00 5.54
C GLN D 51 -1.32 -15.85 6.69
N GLU D 52 -1.83 -15.57 7.89
CA GLU D 52 -0.94 -15.35 9.02
C GLU D 52 -0.27 -16.65 9.45
N SER D 53 -0.98 -17.77 9.26
CA SER D 53 -0.40 -19.08 9.58
C SER D 53 0.79 -19.36 8.66
N ILE D 54 0.73 -18.86 7.44
CA ILE D 54 1.87 -19.00 6.54
C ILE D 54 3.07 -18.21 7.05
N GLN D 55 2.82 -16.99 7.55
CA GLN D 55 3.88 -16.17 8.11
C GLN D 55 4.50 -16.86 9.32
N ALA D 56 3.65 -17.41 10.18
CA ALA D 56 4.13 -18.14 11.36
C ALA D 56 4.96 -19.35 10.94
N ALA D 57 4.46 -20.13 9.97
CA ALA D 57 5.19 -21.30 9.50
C ALA D 57 6.56 -20.91 8.93
N LEU D 58 6.62 -19.82 8.17
CA LEU D 58 7.88 -19.37 7.58
C LEU D 58 8.88 -18.98 8.66
N THR D 59 8.40 -18.27 9.67
CA THR D 59 9.27 -17.91 10.80
C THR D 59 9.80 -19.14 11.53
N VAL D 60 8.98 -20.18 11.67
CA VAL D 60 9.43 -21.43 12.27
C VAL D 60 10.62 -21.99 11.49
N VAL D 61 10.55 -21.93 10.16
CA VAL D 61 11.61 -22.46 9.33
C VAL D 61 12.87 -21.60 9.44
N ARG D 62 12.71 -20.28 9.43
CA ARG D 62 13.86 -19.37 9.56
C ARG D 62 14.60 -19.64 10.87
N ALA D 63 13.84 -19.80 11.94
CA ALA D 63 14.41 -20.01 13.26
C ALA D 63 15.19 -21.32 13.36
N ARG D 64 14.83 -22.29 12.51
CA ARG D 64 15.46 -23.59 12.53
C ARG D 64 16.20 -23.91 11.25
N ALA D 65 16.47 -22.90 10.43
CA ALA D 65 17.03 -23.14 9.10
C ALA D 65 18.32 -23.95 9.15
N GLU D 66 19.24 -23.52 10.00
CA GLU D 66 20.51 -24.19 10.19
C GLU D 66 20.34 -25.69 10.43
N LYS D 67 19.54 -26.01 11.45
CA LYS D 67 19.33 -27.40 11.85
C LYS D 67 18.67 -28.24 10.75
N LEU D 68 17.89 -27.59 9.90
CA LEU D 68 17.17 -28.27 8.82
C LEU D 68 18.03 -28.43 7.56
N GLY D 69 19.26 -27.95 7.60
CA GLY D 69 20.13 -28.05 6.45
C GLY D 69 19.80 -26.97 5.43
N ILE D 70 19.17 -25.89 5.90
CA ILE D 70 18.81 -24.77 5.05
C ILE D 70 19.74 -23.58 5.33
N ASN D 71 20.26 -22.96 4.28
CA ASN D 71 21.06 -21.75 4.47
C ASN D 71 20.19 -20.62 5.00
N PRO D 72 20.62 -19.99 6.12
CA PRO D 72 19.97 -18.86 6.77
C PRO D 72 19.58 -17.74 5.80
N ASP D 73 20.41 -17.51 4.79
CA ASP D 73 20.20 -16.41 3.84
C ASP D 73 19.04 -16.63 2.88
N PHE D 74 18.31 -17.74 3.04
CA PHE D 74 17.26 -18.11 2.07
C PHE D 74 16.16 -17.07 1.92
N TYR D 75 15.81 -16.38 3.02
CA TYR D 75 14.76 -15.37 2.98
C TYR D 75 15.27 -14.21 2.17
N GLU D 76 16.59 -14.14 1.97
CA GLU D 76 17.22 -13.08 1.18
C GLU D 76 17.49 -13.51 -0.25
N LYS D 77 17.58 -14.82 -0.49
CA LYS D 77 18.03 -15.35 -1.76
C LYS D 77 16.93 -16.02 -2.58
N ARG D 78 15.78 -16.26 -1.96
CA ARG D 78 14.70 -17.00 -2.62
C ARG D 78 13.38 -16.26 -2.63
N ASP D 79 12.63 -16.41 -3.72
CA ASP D 79 11.24 -15.98 -3.74
C ASP D 79 10.38 -17.19 -3.44
N ILE D 80 9.44 -17.03 -2.51
CA ILE D 80 8.60 -18.12 -2.08
C ILE D 80 7.14 -17.85 -2.42
N HIS D 81 6.50 -18.83 -3.05
CA HIS D 81 5.09 -18.72 -3.43
C HIS D 81 4.37 -19.91 -2.82
N VAL D 82 3.40 -19.63 -1.95
CA VAL D 82 2.55 -20.67 -1.39
C VAL D 82 1.19 -20.54 -2.07
N HIS D 83 0.70 -21.66 -2.60
CA HIS D 83 -0.55 -21.63 -3.35
C HIS D 83 -1.40 -22.82 -2.98
N VAL D 84 -2.69 -22.60 -2.79
CA VAL D 84 -3.60 -23.68 -2.44
C VAL D 84 -4.77 -23.74 -3.41
N PRO D 85 -4.65 -24.56 -4.45
CA PRO D 85 -5.81 -24.74 -5.32
C PRO D 85 -6.92 -25.44 -4.51
N GLU D 86 -8.17 -25.45 -4.98
CA GLU D 86 -8.58 -24.81 -6.23
C GLU D 86 -8.66 -23.31 -6.04
N GLY D 87 -8.24 -22.56 -7.05
CA GLY D 87 -8.02 -21.14 -6.89
C GLY D 87 -9.23 -20.33 -6.48
N ALA D 88 -10.41 -20.77 -6.90
CA ALA D 88 -11.62 -20.00 -6.65
C ALA D 88 -12.28 -20.31 -5.31
N THR D 89 -11.83 -21.37 -4.65
CA THR D 89 -12.44 -21.79 -3.38
C THR D 89 -11.86 -21.08 -2.16
N PRO D 90 -12.70 -20.33 -1.43
CA PRO D 90 -12.26 -19.63 -0.23
C PRO D 90 -11.81 -20.63 0.85
N LYS D 91 -10.66 -20.34 1.47
CA LYS D 91 -10.10 -21.16 2.52
C LYS D 91 -9.64 -20.26 3.65
N ASP D 92 -9.68 -20.72 4.88
CA ASP D 92 -9.28 -19.87 5.99
C ASP D 92 -9.03 -20.70 7.23
N GLY D 93 -8.56 -20.03 8.27
CA GLY D 93 -8.29 -20.69 9.53
C GLY D 93 -6.83 -21.06 9.65
N PRO D 94 -6.43 -21.53 10.84
CA PRO D 94 -5.02 -21.82 11.12
C PRO D 94 -4.65 -23.28 10.99
N ALA D 95 -5.57 -24.12 10.54
CA ALA D 95 -5.36 -25.57 10.65
C ALA D 95 -4.42 -26.14 9.59
N ALA D 96 -3.98 -25.31 8.66
CA ALA D 96 -3.01 -25.75 7.65
C ALA D 96 -1.58 -25.37 8.05
N GLY D 97 -1.42 -24.79 9.24
CA GLY D 97 -0.12 -24.33 9.71
C GLY D 97 1.01 -25.35 9.62
N ILE D 98 0.82 -26.54 10.17
CA ILE D 98 1.89 -27.53 10.10
C ILE D 98 2.14 -28.02 8.66
N ALA D 99 1.09 -28.03 7.84
CA ALA D 99 1.24 -28.37 6.43
C ALA D 99 2.03 -27.29 5.68
N MET D 100 1.78 -26.02 6.01
CA MET D 100 2.52 -24.92 5.41
C MET D 100 4.00 -25.07 5.76
N CYS D 101 4.25 -25.36 7.02
CA CYS D 101 5.63 -25.47 7.49
C CYS D 101 6.34 -26.62 6.78
N THR D 102 5.68 -27.77 6.74
CA THR D 102 6.21 -28.94 6.03
C THR D 102 6.50 -28.64 4.56
N ALA D 103 5.55 -27.99 3.90
CA ALA D 103 5.70 -27.69 2.49
C ALA D 103 6.93 -26.80 2.26
N LEU D 104 7.12 -25.83 3.14
CA LEU D 104 8.26 -24.93 3.02
C LEU D 104 9.58 -25.67 3.23
N VAL D 105 9.64 -26.53 4.24
CA VAL D 105 10.87 -27.27 4.53
C VAL D 105 11.22 -28.16 3.34
N SER D 106 10.22 -28.87 2.84
CA SER D 106 10.37 -29.72 1.65
C SER D 106 10.96 -28.96 0.46
N CYS D 107 10.33 -27.84 0.13
CA CYS D 107 10.74 -27.05 -1.02
C CYS D 107 12.16 -26.56 -0.86
N LEU D 108 12.49 -26.08 0.34
CA LEU D 108 13.80 -25.49 0.60
C LEU D 108 14.91 -26.53 0.70
N THR D 109 14.55 -27.78 0.95
CA THR D 109 15.54 -28.83 1.06
C THR D 109 15.49 -29.87 -0.06
N GLY D 110 14.47 -29.78 -0.92
CA GLY D 110 14.27 -30.78 -1.94
C GLY D 110 13.93 -32.16 -1.36
N ASN D 111 13.41 -32.17 -0.14
CA ASN D 111 13.02 -33.42 0.51
C ASN D 111 11.55 -33.70 0.21
N PRO D 112 11.28 -34.74 -0.58
CA PRO D 112 9.92 -35.07 -1.02
C PRO D 112 8.97 -35.30 0.16
N VAL D 113 7.73 -34.86 0.03
CA VAL D 113 6.72 -35.11 1.05
C VAL D 113 6.03 -36.44 0.76
N ARG D 114 5.78 -37.25 1.79
CA ARG D 114 5.07 -38.53 1.61
C ARG D 114 3.62 -38.31 1.18
N ALA D 115 3.24 -38.89 0.05
CA ALA D 115 1.91 -38.61 -0.51
C ALA D 115 0.78 -39.35 0.21
N ASP D 116 1.12 -40.31 1.06
CA ASP D 116 0.07 -41.02 1.81
C ASP D 116 -0.25 -40.36 3.14
N VAL D 117 0.40 -39.23 3.43
CA VAL D 117 0.19 -38.53 4.70
C VAL D 117 -0.66 -37.28 4.52
N ALA D 118 -1.62 -37.10 5.42
CA ALA D 118 -2.35 -35.83 5.51
C ALA D 118 -2.09 -35.26 6.89
N MET D 119 -2.31 -33.97 7.08
CA MET D 119 -2.03 -33.40 8.39
C MET D 119 -2.86 -32.18 8.66
N THR D 120 -3.19 -31.98 9.93
CA THR D 120 -3.93 -30.80 10.36
C THR D 120 -3.35 -30.35 11.70
N GLY D 121 -3.33 -29.05 11.94
CA GLY D 121 -2.83 -28.52 13.19
C GLY D 121 -2.40 -27.07 13.08
N GLU D 122 -2.65 -26.28 14.12
CA GLU D 122 -2.18 -24.90 14.15
C GLU D 122 -0.73 -24.90 14.63
N ILE D 123 0.12 -24.11 14.00
CA ILE D 123 1.53 -24.03 14.41
C ILE D 123 1.81 -22.75 15.22
N THR D 124 2.70 -22.84 16.20
CA THR D 124 3.18 -21.66 16.94
C THR D 124 4.62 -21.38 16.55
N LEU D 125 5.15 -20.20 16.89
CA LEU D 125 6.54 -19.90 16.53
C LEU D 125 7.54 -20.82 17.22
N ARG D 126 7.18 -21.31 18.41
CA ARG D 126 8.05 -22.24 19.15
C ARG D 126 8.01 -23.62 18.51
N GLY D 127 7.12 -23.79 17.54
CA GLY D 127 7.03 -25.04 16.80
C GLY D 127 6.14 -26.06 17.48
N GLN D 128 5.29 -25.60 18.39
CA GLN D 128 4.29 -26.47 19.00
C GLN D 128 3.08 -26.64 18.07
N VAL D 129 2.37 -27.76 18.22
CA VAL D 129 1.20 -28.04 17.40
C VAL D 129 -0.06 -27.91 18.27
N LEU D 130 -0.91 -26.94 17.94
CA LEU D 130 -2.09 -26.64 18.73
C LEU D 130 -3.35 -27.29 18.15
N PRO D 131 -4.32 -27.59 19.02
CA PRO D 131 -5.53 -28.28 18.57
C PRO D 131 -6.36 -27.43 17.62
N ILE D 132 -7.16 -28.10 16.80
CA ILE D 132 -7.97 -27.44 15.79
C ILE D 132 -9.45 -27.80 15.93
N GLY D 133 -10.30 -27.12 15.17
CA GLY D 133 -11.72 -27.41 15.19
C GLY D 133 -12.10 -28.34 14.06
N GLY D 134 -13.34 -28.83 14.07
CA GLY D 134 -13.88 -29.58 12.95
C GLY D 134 -13.11 -30.83 12.56
N LEU D 135 -12.54 -31.52 13.56
CA LEU D 135 -11.74 -32.72 13.31
C LEU D 135 -12.51 -33.82 12.61
N LYS D 136 -13.81 -33.94 12.93
CA LYS D 136 -14.65 -34.93 12.24
C LYS D 136 -14.76 -34.68 10.74
N GLU D 137 -15.13 -33.46 10.35
CA GLU D 137 -15.21 -33.10 8.94
C GLU D 137 -13.86 -33.35 8.28
N LYS D 138 -12.79 -33.06 9.02
CA LYS D 138 -11.42 -33.18 8.50
C LYS D 138 -11.03 -34.63 8.23
N LEU D 139 -11.29 -35.51 9.19
CA LEU D 139 -10.96 -36.93 9.01
C LEU D 139 -11.85 -37.67 8.02
N LEU D 140 -13.13 -37.30 7.94
CA LEU D 140 -14.01 -37.87 6.92
C LEU D 140 -13.48 -37.55 5.53
N ALA D 141 -13.04 -36.32 5.35
CA ALA D 141 -12.52 -35.89 4.05
C ALA D 141 -11.26 -36.67 3.72
N ALA D 142 -10.38 -36.82 4.71
CA ALA D 142 -9.15 -37.58 4.56
C ALA D 142 -9.45 -39.01 4.16
N HIS D 143 -10.44 -39.61 4.81
CA HIS D 143 -10.84 -41.00 4.57
C HIS D 143 -11.51 -41.15 3.21
N ARG D 144 -12.44 -40.25 2.89
CA ARG D 144 -13.06 -40.23 1.57
C ARG D 144 -11.98 -40.08 0.50
N GLY D 145 -10.92 -39.35 0.82
CA GLY D 145 -9.84 -39.10 -0.11
C GLY D 145 -8.82 -40.21 -0.26
N GLY D 146 -8.93 -41.26 0.54
CA GLY D 146 -8.00 -42.39 0.44
C GLY D 146 -6.66 -42.17 1.12
N ILE D 147 -6.61 -41.27 2.09
CA ILE D 147 -5.42 -41.06 2.89
C ILE D 147 -5.32 -42.17 3.92
N LYS D 148 -4.10 -42.69 4.15
CA LYS D 148 -3.92 -43.80 5.10
C LYS D 148 -3.42 -43.35 6.48
N THR D 149 -2.66 -42.26 6.51
CA THR D 149 -1.98 -41.78 7.71
C THR D 149 -2.33 -40.33 7.91
N VAL D 150 -2.80 -39.96 9.10
CA VAL D 150 -3.13 -38.57 9.38
C VAL D 150 -2.45 -38.10 10.66
N LEU D 151 -1.83 -36.92 10.60
CA LEU D 151 -1.19 -36.33 11.75
C LEU D 151 -2.17 -35.35 12.36
N ILE D 152 -2.50 -35.53 13.63
CA ILE D 152 -3.39 -34.58 14.29
C ILE D 152 -2.72 -34.00 15.51
N PRO D 153 -3.20 -32.82 15.98
CA PRO D 153 -2.61 -32.32 17.22
C PRO D 153 -2.89 -33.26 18.39
N PHE D 154 -1.92 -33.37 19.29
CA PHE D 154 -2.05 -34.25 20.45
C PHE D 154 -3.29 -33.95 21.29
N GLU D 155 -3.66 -32.68 21.39
CA GLU D 155 -4.80 -32.32 22.25
C GLU D 155 -6.15 -32.51 21.56
N ASN D 156 -6.12 -32.99 20.31
CA ASN D 156 -7.33 -33.40 19.61
C ASN D 156 -7.68 -34.88 19.80
N LYS D 157 -6.81 -35.63 20.49
CA LYS D 157 -7.02 -37.06 20.69
C LYS D 157 -8.42 -37.36 21.21
N ARG D 158 -8.87 -36.56 22.16
CA ARG D 158 -10.17 -36.75 22.78
C ARG D 158 -11.31 -36.60 21.78
N ASP D 159 -11.09 -35.77 20.76
CA ASP D 159 -12.13 -35.51 19.77
C ASP D 159 -12.36 -36.70 18.82
N LEU D 160 -11.43 -37.66 18.82
CA LEU D 160 -11.56 -38.84 17.97
C LEU D 160 -12.80 -39.67 18.32
N GLU D 161 -13.23 -39.61 19.57
CA GLU D 161 -14.33 -40.43 20.06
C GLU D 161 -15.74 -39.95 19.63
N GLU D 162 -15.77 -38.89 18.82
CA GLU D 162 -17.03 -38.35 18.32
C GLU D 162 -17.16 -38.67 16.83
N ILE D 163 -16.16 -39.39 16.32
CA ILE D 163 -16.06 -39.71 14.90
C ILE D 163 -16.29 -41.22 14.74
N PRO D 164 -17.12 -41.62 13.75
CA PRO D 164 -17.45 -43.03 13.49
C PRO D 164 -16.23 -43.95 13.57
N ASP D 165 -16.35 -45.04 14.34
CA ASP D 165 -15.21 -45.94 14.56
C ASP D 165 -14.71 -46.57 13.26
N ASN D 166 -15.62 -46.88 12.34
CA ASN D 166 -15.25 -47.41 11.03
C ASN D 166 -14.31 -46.49 10.23
N VAL D 167 -14.46 -45.19 10.40
CA VAL D 167 -13.58 -44.23 9.73
C VAL D 167 -12.22 -44.21 10.42
N ILE D 168 -12.26 -44.08 11.74
CA ILE D 168 -11.03 -44.08 12.53
C ILE D 168 -10.27 -45.42 12.42
N ALA D 169 -11.01 -46.52 12.27
CA ALA D 169 -10.36 -47.84 12.17
C ALA D 169 -9.46 -47.93 10.95
N ASP D 170 -9.82 -47.21 9.89
CA ASP D 170 -9.11 -47.27 8.60
C ASP D 170 -7.94 -46.29 8.53
N LEU D 171 -7.81 -45.45 9.55
CA LEU D 171 -6.76 -44.43 9.54
C LEU D 171 -5.63 -44.75 10.51
N ASP D 172 -4.40 -44.51 10.07
CA ASP D 172 -3.23 -44.58 10.94
C ASP D 172 -3.03 -43.19 11.51
N ILE D 173 -3.49 -42.97 12.73
CA ILE D 173 -3.56 -41.62 13.27
C ILE D 173 -2.39 -41.34 14.22
N HIS D 174 -1.62 -40.30 13.91
CA HIS D 174 -0.47 -39.92 14.74
C HIS D 174 -0.71 -38.57 15.41
N PRO D 175 -0.98 -38.59 16.71
CA PRO D 175 -1.08 -37.32 17.44
C PRO D 175 0.32 -36.78 17.65
N VAL D 176 0.53 -35.50 17.32
CA VAL D 176 1.84 -34.88 17.47
C VAL D 176 1.76 -33.65 18.37
N LYS D 177 2.85 -33.40 19.08
CA LYS D 177 2.93 -32.25 19.97
C LYS D 177 3.75 -31.12 19.33
N ARG D 178 4.68 -31.50 18.47
CA ARG D 178 5.63 -30.51 17.98
C ARG D 178 6.09 -30.73 16.54
N ILE D 179 6.61 -29.67 15.93
CA ILE D 179 6.92 -29.67 14.49
C ILE D 179 7.96 -30.71 14.03
N GLU D 180 8.97 -31.02 14.85
CA GLU D 180 9.98 -31.97 14.37
C GLU D 180 9.37 -33.38 14.20
N GLU D 181 8.39 -33.73 15.03
CA GLU D 181 7.66 -34.98 14.86
C GLU D 181 6.99 -34.99 13.49
N VAL D 182 6.27 -33.90 13.21
CA VAL D 182 5.59 -33.68 11.95
C VAL D 182 6.51 -33.94 10.79
N LEU D 183 7.69 -33.30 10.81
CA LEU D 183 8.62 -33.39 9.68
C LEU D 183 9.16 -34.81 9.48
N THR D 184 9.42 -35.49 10.59
CA THR D 184 9.93 -36.86 10.57
C THR D 184 8.90 -37.83 10.01
N LEU D 185 7.64 -37.61 10.34
CA LEU D 185 6.57 -38.47 9.87
C LEU D 185 6.18 -38.17 8.42
N ALA D 186 6.33 -36.93 8.00
CA ALA D 186 5.77 -36.50 6.71
C ALA D 186 6.76 -36.44 5.56
N LEU D 187 8.03 -36.19 5.87
CA LEU D 187 9.04 -36.07 4.82
C LEU D 187 9.63 -37.45 4.50
N GLN D 188 9.95 -37.65 3.23
CA GLN D 188 10.48 -38.91 2.75
C GLN D 188 11.82 -39.22 3.42
N ASN D 189 12.77 -38.30 3.29
CA ASN D 189 14.06 -38.47 3.94
C ASN D 189 14.08 -37.73 5.27
N GLU D 190 14.99 -38.14 6.16
CA GLU D 190 15.03 -37.60 7.50
C GLU D 190 15.61 -36.18 7.47
N PRO D 191 14.89 -35.21 8.08
CA PRO D 191 15.23 -33.79 8.01
C PRO D 191 16.40 -33.39 8.91
N GLY E 3 4.66 -12.60 -43.07
CA GLY E 3 5.01 -13.83 -42.37
C GLY E 3 5.82 -13.55 -41.13
N ARG E 4 6.82 -12.68 -41.27
CA ARG E 4 7.61 -12.22 -40.14
C ARG E 4 6.68 -11.36 -39.29
N ALA E 5 5.88 -10.54 -39.97
CA ALA E 5 4.96 -9.63 -39.31
C ALA E 5 3.85 -10.37 -38.55
N ASP E 6 3.16 -11.27 -39.23
CA ASP E 6 2.14 -12.09 -38.58
C ASP E 6 2.69 -12.85 -37.40
N ASN E 7 3.90 -13.37 -37.53
CA ASN E 7 4.47 -14.21 -36.48
C ASN E 7 4.80 -13.46 -35.20
N GLU E 8 5.48 -12.34 -35.30
CA GLU E 8 5.84 -11.66 -34.06
C GLU E 8 4.61 -11.01 -33.41
N ASN E 9 3.59 -10.74 -34.23
CA ASN E 9 2.25 -10.41 -33.72
C ASN E 9 1.56 -11.57 -32.97
N ARG E 10 2.12 -12.77 -33.06
CA ARG E 10 1.63 -13.91 -32.27
C ARG E 10 2.48 -14.18 -31.04
N VAL E 11 3.55 -13.41 -30.85
CA VAL E 11 4.36 -13.61 -29.65
C VAL E 11 3.63 -13.01 -28.46
N GLY E 12 3.51 -13.78 -27.38
CA GLY E 12 2.87 -13.33 -26.17
C GLY E 12 1.37 -13.11 -26.25
N GLN E 13 0.73 -13.75 -27.22
CA GLN E 13 -0.68 -13.56 -27.49
C GLN E 13 -1.39 -14.91 -27.47
N VAL E 14 -2.34 -15.07 -26.57
CA VAL E 14 -3.01 -16.37 -26.42
C VAL E 14 -4.52 -16.22 -26.27
N THR E 15 -5.26 -17.09 -26.95
CA THR E 15 -6.71 -17.12 -26.78
C THR E 15 -7.10 -18.07 -25.65
N GLY E 16 -7.60 -17.51 -24.55
CA GLY E 16 -8.07 -18.32 -23.44
C GLY E 16 -9.58 -18.37 -23.44
N LEU E 17 -10.13 -19.36 -22.75
CA LEU E 17 -11.57 -19.43 -22.57
C LEU E 17 -11.84 -19.34 -21.08
N ALA E 18 -12.42 -18.24 -20.66
CA ALA E 18 -12.73 -18.05 -19.24
C ALA E 18 -13.91 -17.12 -19.09
N TRP E 19 -14.32 -16.92 -17.84
CA TRP E 19 -15.55 -16.18 -17.55
C TRP E 19 -15.39 -14.67 -17.68
N THR E 20 -16.34 -14.04 -18.37
CA THR E 20 -16.46 -12.59 -18.42
C THR E 20 -17.87 -12.18 -18.00
N GLU E 21 -18.09 -10.89 -17.78
CA GLU E 21 -19.41 -10.39 -17.39
C GLU E 21 -20.40 -10.61 -18.52
N VAL E 22 -19.87 -10.82 -19.72
CA VAL E 22 -20.69 -11.27 -20.85
C VAL E 22 -20.51 -12.79 -21.03
N GLY E 23 -20.36 -13.49 -19.91
CA GLY E 23 -20.37 -14.95 -19.88
C GLY E 23 -19.03 -15.65 -20.03
N GLY E 24 -19.04 -16.97 -19.86
CA GLY E 24 -17.89 -17.79 -20.17
C GLY E 24 -17.56 -17.59 -21.63
N ASP E 25 -16.48 -16.85 -21.89
CA ASP E 25 -16.20 -16.38 -23.24
C ASP E 25 -14.73 -16.43 -23.61
N LEU E 26 -14.44 -15.93 -24.79
CA LEU E 26 -13.11 -15.92 -25.34
C LEU E 26 -12.30 -14.75 -24.76
N LEU E 27 -11.10 -15.03 -24.28
CA LEU E 27 -10.19 -13.98 -23.80
C LEU E 27 -9.00 -13.80 -24.72
N THR E 28 -8.79 -12.58 -25.22
CA THR E 28 -7.57 -12.32 -25.94
C THR E 28 -6.52 -11.83 -24.96
N ILE E 29 -5.64 -12.74 -24.54
CA ILE E 29 -4.61 -12.40 -23.55
C ILE E 29 -3.34 -11.93 -24.25
N GLU E 30 -2.82 -10.81 -23.77
CA GLU E 30 -1.61 -10.18 -24.28
C GLU E 30 -0.54 -10.12 -23.22
N THR E 31 0.70 -10.32 -23.63
CA THR E 31 1.84 -10.08 -22.74
C THR E 31 2.92 -9.29 -23.45
N ALA E 32 3.58 -8.40 -22.72
CA ALA E 32 4.75 -7.70 -23.22
C ALA E 32 5.86 -7.87 -22.21
N CYS E 33 7.06 -8.11 -22.71
CA CYS E 33 8.26 -8.25 -21.88
C CYS E 33 9.25 -7.20 -22.35
N VAL E 34 9.46 -6.16 -21.55
CA VAL E 34 10.24 -5.00 -21.97
C VAL E 34 11.41 -4.79 -21.01
N PRO E 35 12.40 -3.94 -21.38
CA PRO E 35 13.50 -3.67 -20.45
C PRO E 35 12.97 -3.13 -19.12
N GLY E 36 13.50 -3.63 -18.01
CA GLY E 36 12.96 -3.31 -16.70
C GLY E 36 13.76 -3.89 -15.55
N LYS E 37 13.10 -4.12 -14.43
CA LYS E 37 13.78 -4.51 -13.20
C LYS E 37 13.13 -5.69 -12.50
N GLY E 38 12.33 -6.46 -13.23
CA GLY E 38 11.63 -7.60 -12.65
C GLY E 38 10.23 -7.31 -12.16
N LYS E 39 9.59 -6.27 -12.70
CA LYS E 39 8.23 -5.90 -12.30
C LYS E 39 7.18 -6.67 -13.07
N LEU E 40 6.07 -6.97 -12.42
CA LEU E 40 4.93 -7.60 -13.08
C LEU E 40 3.71 -6.72 -12.94
N THR E 41 3.06 -6.47 -14.08
CA THR E 41 1.86 -5.67 -14.11
C THR E 41 0.80 -6.52 -14.77
N TYR E 42 -0.41 -6.46 -14.24
CA TYR E 42 -1.50 -7.13 -14.94
C TYR E 42 -2.77 -6.29 -14.91
N THR E 43 -3.37 -6.15 -16.08
CA THR E 43 -4.52 -5.28 -16.28
C THR E 43 -5.58 -5.91 -17.16
N GLY E 44 -6.76 -5.29 -17.15
CA GLY E 44 -7.85 -5.71 -18.01
C GLY E 44 -9.13 -5.97 -17.24
N SER E 45 -9.40 -5.18 -16.21
CA SER E 45 -10.57 -5.37 -15.34
C SER E 45 -10.62 -6.80 -14.81
N LEU E 46 -9.49 -7.27 -14.27
CA LEU E 46 -9.36 -8.65 -13.78
C LEU E 46 -9.78 -8.76 -12.32
N GLY E 47 -10.60 -9.77 -12.03
CA GLY E 47 -10.96 -10.05 -10.65
C GLY E 47 -9.81 -10.71 -9.92
N GLU E 48 -9.93 -10.80 -8.61
CA GLU E 48 -8.82 -11.26 -7.77
C GLU E 48 -8.39 -12.68 -8.06
N VAL E 49 -9.36 -13.56 -8.27
CA VAL E 49 -9.03 -14.96 -8.55
C VAL E 49 -8.25 -15.05 -9.85
N MET E 50 -8.62 -14.25 -10.84
CA MET E 50 -7.88 -14.26 -12.11
C MET E 50 -6.49 -13.68 -11.90
N GLN E 51 -6.38 -12.63 -11.08
CA GLN E 51 -5.06 -12.05 -10.79
C GLN E 51 -4.14 -13.09 -10.18
N GLU E 52 -4.67 -13.86 -9.22
CA GLU E 52 -3.88 -14.90 -8.59
C GLU E 52 -3.43 -15.99 -9.56
N SER E 53 -4.27 -16.28 -10.56
CA SER E 53 -3.89 -17.32 -11.52
C SER E 53 -2.72 -16.85 -12.37
N ILE E 54 -2.63 -15.54 -12.57
CA ILE E 54 -1.50 -14.99 -13.30
C ILE E 54 -0.23 -15.15 -12.45
N GLN E 55 -0.35 -14.84 -11.16
CA GLN E 55 0.76 -15.05 -10.24
C GLN E 55 1.24 -16.49 -10.26
N ALA E 56 0.29 -17.43 -10.15
CA ALA E 56 0.64 -18.84 -10.19
C ALA E 56 1.28 -19.24 -11.52
N ALA E 57 0.72 -18.74 -12.62
CA ALA E 57 1.30 -19.01 -13.93
C ALA E 57 2.75 -18.53 -14.00
N LEU E 58 3.04 -17.33 -13.48
CA LEU E 58 4.40 -16.82 -13.59
C LEU E 58 5.37 -17.66 -12.79
N THR E 59 4.96 -18.04 -11.58
CA THR E 59 5.76 -18.91 -10.74
C THR E 59 6.06 -20.23 -11.44
N VAL E 60 5.08 -20.76 -12.17
CA VAL E 60 5.32 -21.97 -12.94
C VAL E 60 6.44 -21.77 -13.95
N VAL E 61 6.39 -20.66 -14.67
CA VAL E 61 7.43 -20.34 -15.63
C VAL E 61 8.79 -20.21 -14.95
N ARG E 62 8.84 -19.44 -13.87
CA ARG E 62 10.08 -19.24 -13.13
C ARG E 62 10.71 -20.55 -12.68
N ALA E 63 9.90 -21.45 -12.13
CA ALA E 63 10.41 -22.71 -11.61
C ALA E 63 10.97 -23.62 -12.71
N ARG E 64 10.56 -23.35 -13.94
CA ARG E 64 10.96 -24.15 -15.09
C ARG E 64 11.89 -23.38 -16.03
N ALA E 65 12.49 -22.31 -15.53
CA ALA E 65 13.29 -21.40 -16.35
C ALA E 65 14.44 -22.09 -17.09
N GLU E 66 15.17 -22.95 -16.39
CA GLU E 66 16.27 -23.69 -16.99
C GLU E 66 15.79 -24.51 -18.17
N LYS E 67 14.75 -25.30 -17.92
CA LYS E 67 14.19 -26.18 -18.93
C LYS E 67 13.59 -25.40 -20.09
N LEU E 68 13.16 -24.16 -19.82
CA LEU E 68 12.57 -23.30 -20.84
C LEU E 68 13.63 -22.42 -21.50
N GLY E 69 14.87 -22.49 -20.99
CA GLY E 69 15.95 -21.72 -21.56
C GLY E 69 15.84 -20.23 -21.31
N ILE E 70 15.08 -19.86 -20.29
CA ILE E 70 15.01 -18.47 -19.85
C ILE E 70 16.12 -18.22 -18.82
N ASN E 71 17.01 -17.27 -19.12
CA ASN E 71 18.07 -16.91 -18.19
C ASN E 71 17.55 -15.96 -17.11
N PRO E 72 17.87 -16.25 -15.83
CA PRO E 72 17.65 -15.33 -14.71
C PRO E 72 18.23 -13.94 -14.95
N ASP E 73 19.42 -13.86 -15.55
CA ASP E 73 20.03 -12.59 -15.91
C ASP E 73 19.07 -11.73 -16.72
N PHE E 74 18.57 -12.31 -17.80
CA PHE E 74 17.60 -11.67 -18.68
C PHE E 74 16.28 -11.41 -17.96
N TYR E 75 15.79 -12.41 -17.24
CA TYR E 75 14.49 -12.31 -16.59
C TYR E 75 14.38 -11.16 -15.59
N GLU E 76 15.41 -10.95 -14.79
CA GLU E 76 15.37 -9.86 -13.79
C GLU E 76 15.59 -8.48 -14.40
N LYS E 77 15.93 -8.47 -15.69
CA LYS E 77 16.18 -7.22 -16.40
C LYS E 77 14.96 -6.85 -17.22
N ARG E 78 13.86 -7.58 -16.99
CA ARG E 78 12.63 -7.41 -17.75
C ARG E 78 11.44 -7.07 -16.87
N ASP E 79 10.57 -6.19 -17.35
CA ASP E 79 9.25 -5.99 -16.76
C ASP E 79 8.22 -6.73 -17.60
N ILE E 80 7.24 -7.35 -16.95
CA ILE E 80 6.21 -8.07 -17.68
C ILE E 80 4.87 -7.40 -17.44
N HIS E 81 4.12 -7.21 -18.53
CA HIS E 81 2.79 -6.67 -18.45
C HIS E 81 1.84 -7.64 -19.15
N VAL E 82 0.92 -8.20 -18.37
CA VAL E 82 -0.13 -9.06 -18.91
C VAL E 82 -1.37 -8.18 -19.02
N HIS E 83 -1.96 -8.08 -20.20
CA HIS E 83 -3.15 -7.22 -20.41
C HIS E 83 -4.21 -8.00 -21.17
N VAL E 84 -5.45 -7.89 -20.74
CA VAL E 84 -6.55 -8.61 -21.39
C VAL E 84 -7.65 -7.67 -21.89
N PRO E 85 -7.52 -7.17 -23.13
CA PRO E 85 -8.61 -6.38 -23.71
C PRO E 85 -9.85 -7.25 -23.98
N GLU E 86 -11.06 -6.68 -24.10
CA GLU E 86 -11.34 -5.25 -24.02
C GLU E 86 -11.18 -4.78 -22.58
N GLY E 87 -10.57 -3.61 -22.43
CA GLY E 87 -10.14 -3.15 -21.12
C GLY E 87 -11.23 -3.02 -20.06
N ALA E 88 -12.45 -2.70 -20.49
CA ALA E 88 -13.51 -2.39 -19.52
C ALA E 88 -14.38 -3.58 -19.15
N THR E 89 -14.18 -4.70 -19.84
CA THR E 89 -15.02 -5.88 -19.58
C THR E 89 -14.47 -6.70 -18.41
N PRO E 90 -15.27 -6.87 -17.33
CA PRO E 90 -14.78 -7.69 -16.22
C PRO E 90 -14.61 -9.17 -16.59
N LYS E 91 -13.54 -9.74 -16.06
CA LYS E 91 -13.12 -11.09 -16.36
C LYS E 91 -12.66 -11.66 -15.03
N ASP E 92 -12.91 -12.93 -14.77
CA ASP E 92 -12.49 -13.49 -13.48
C ASP E 92 -12.47 -15.01 -13.54
N GLY E 93 -11.93 -15.62 -12.50
CA GLY E 93 -11.89 -17.07 -12.42
C GLY E 93 -10.49 -17.59 -12.73
N PRO E 94 -10.26 -18.89 -12.47
CA PRO E 94 -8.94 -19.50 -12.64
C PRO E 94 -8.76 -20.14 -14.02
N ALA E 95 -9.77 -20.08 -14.88
CA ALA E 95 -9.75 -20.90 -16.09
C ALA E 95 -8.77 -20.47 -17.20
N ALA E 96 -8.23 -19.26 -17.10
CA ALA E 96 -7.23 -18.76 -18.04
C ALA E 96 -5.80 -19.06 -17.60
N GLY E 97 -5.65 -19.71 -16.44
CA GLY E 97 -4.33 -20.10 -15.94
C GLY E 97 -3.32 -20.65 -16.95
N ILE E 98 -3.70 -21.70 -17.68
CA ILE E 98 -2.77 -22.27 -18.67
C ILE E 98 -2.53 -21.34 -19.86
N ALA E 99 -3.53 -20.55 -20.21
CA ALA E 99 -3.33 -19.52 -21.26
C ALA E 99 -2.34 -18.44 -20.79
N MET E 100 -2.45 -18.03 -19.53
CA MET E 100 -1.52 -17.06 -18.95
C MET E 100 -0.10 -17.60 -18.96
N CYS E 101 0.04 -18.85 -18.57
CA CYS E 101 1.36 -19.47 -18.55
C CYS E 101 1.95 -19.53 -19.98
N THR E 102 1.14 -20.00 -20.92
CA THR E 102 1.57 -20.08 -22.32
C THR E 102 2.02 -18.72 -22.84
N ALA E 103 1.25 -17.68 -22.51
CA ALA E 103 1.55 -16.34 -22.96
C ALA E 103 2.87 -15.84 -22.38
N LEU E 104 3.09 -16.09 -21.10
CA LEU E 104 4.34 -15.67 -20.44
C LEU E 104 5.57 -16.36 -21.04
N VAL E 105 5.45 -17.66 -21.30
CA VAL E 105 6.57 -18.42 -21.86
C VAL E 105 6.89 -17.87 -23.24
N SER E 106 5.85 -17.61 -24.02
CA SER E 106 6.00 -17.04 -25.36
C SER E 106 6.70 -15.70 -25.33
N CYS E 107 6.21 -14.79 -24.49
CA CYS E 107 6.75 -13.44 -24.39
C CYS E 107 8.22 -13.45 -23.99
N LEU E 108 8.57 -14.29 -23.02
CA LEU E 108 9.92 -14.34 -22.50
C LEU E 108 10.94 -15.00 -23.41
N THR E 109 10.46 -15.86 -24.31
CA THR E 109 11.34 -16.62 -25.20
C THR E 109 11.18 -16.24 -26.67
N GLY E 110 10.27 -15.33 -26.96
CA GLY E 110 10.02 -14.91 -28.34
C GLY E 110 9.52 -16.03 -29.22
N ASN E 111 8.81 -16.98 -28.62
CA ASN E 111 8.28 -18.16 -29.30
C ASN E 111 6.81 -17.92 -29.64
N PRO E 112 6.50 -17.75 -30.94
CA PRO E 112 5.15 -17.36 -31.38
C PRO E 112 4.11 -18.43 -31.06
N VAL E 113 2.93 -18.02 -30.63
CA VAL E 113 1.85 -18.95 -30.36
C VAL E 113 1.31 -19.44 -31.70
N ARG E 114 0.92 -20.71 -31.76
CA ARG E 114 0.36 -21.25 -33.00
C ARG E 114 -0.97 -20.57 -33.34
N ALA E 115 -1.25 -20.45 -34.64
CA ALA E 115 -2.50 -19.88 -35.10
C ALA E 115 -3.67 -20.78 -34.72
N ASP E 116 -4.83 -20.18 -34.50
CA ASP E 116 -6.09 -20.91 -34.32
C ASP E 116 -6.14 -21.90 -33.16
N VAL E 117 -5.45 -21.59 -32.08
CA VAL E 117 -5.57 -22.40 -30.87
C VAL E 117 -6.21 -21.57 -29.77
N ALA E 118 -7.10 -22.19 -29.00
CA ALA E 118 -7.56 -21.63 -27.73
C ALA E 118 -7.31 -22.64 -26.61
N MET E 119 -7.36 -22.19 -25.36
CA MET E 119 -7.15 -23.12 -24.25
C MET E 119 -7.86 -22.69 -22.98
N THR E 120 -8.27 -23.68 -22.18
CA THR E 120 -8.90 -23.41 -20.90
C THR E 120 -8.36 -24.42 -19.89
N GLY E 121 -8.18 -23.98 -18.65
CA GLY E 121 -7.66 -24.85 -17.61
C GLY E 121 -7.08 -24.10 -16.44
N GLU E 122 -7.33 -24.61 -15.24
CA GLU E 122 -6.74 -24.03 -14.03
C GLU E 122 -5.32 -24.56 -13.86
N ILE E 123 -4.37 -23.67 -13.62
CA ILE E 123 -2.98 -24.13 -13.44
C ILE E 123 -2.62 -24.26 -11.96
N THR E 124 -1.77 -25.23 -11.65
CA THR E 124 -1.24 -25.40 -10.30
C THR E 124 0.26 -25.17 -10.35
N LEU E 125 0.89 -24.97 -9.20
CA LEU E 125 2.32 -24.71 -9.16
C LEU E 125 3.11 -25.93 -9.65
N ARG E 126 2.50 -27.11 -9.56
CA ARG E 126 3.17 -28.34 -9.97
C ARG E 126 3.09 -28.55 -11.48
N GLY E 127 2.28 -27.75 -12.16
CA GLY E 127 2.18 -27.85 -13.60
C GLY E 127 1.02 -28.71 -14.04
N GLN E 128 0.20 -29.15 -13.08
CA GLN E 128 -1.02 -29.87 -13.40
C GLN E 128 -2.12 -28.95 -13.92
N VAL E 129 -2.93 -29.46 -14.85
CA VAL E 129 -4.06 -28.71 -15.39
C VAL E 129 -5.34 -29.20 -14.73
N LEU E 130 -5.95 -28.37 -13.90
CA LEU E 130 -7.15 -28.79 -13.17
C LEU E 130 -8.42 -28.45 -13.95
N PRO E 131 -9.47 -29.27 -13.77
CA PRO E 131 -10.71 -29.10 -14.55
C PRO E 131 -11.42 -27.78 -14.25
N ILE E 132 -12.14 -27.24 -15.23
CA ILE E 132 -12.83 -25.97 -15.08
C ILE E 132 -14.35 -26.12 -15.18
N GLY E 133 -15.07 -25.06 -14.84
CA GLY E 133 -16.53 -25.08 -14.98
C GLY E 133 -16.97 -24.45 -16.29
N GLY E 134 -18.25 -24.60 -16.63
CA GLY E 134 -18.83 -24.01 -17.83
C GLY E 134 -18.16 -24.38 -19.15
N LEU E 135 -17.79 -25.65 -19.29
CA LEU E 135 -17.08 -26.09 -20.48
C LEU E 135 -17.90 -25.85 -21.74
N LYS E 136 -19.19 -26.14 -21.67
CA LYS E 136 -20.08 -25.99 -22.82
C LYS E 136 -20.05 -24.58 -23.39
N GLU E 137 -20.31 -23.60 -22.52
CA GLU E 137 -20.36 -22.21 -22.93
C GLU E 137 -18.99 -21.76 -23.46
N LYS E 138 -17.92 -22.29 -22.87
CA LYS E 138 -16.57 -22.00 -23.33
C LYS E 138 -16.34 -22.54 -24.73
N LEU E 139 -16.74 -23.80 -24.94
CA LEU E 139 -16.58 -24.41 -26.26
C LEU E 139 -17.49 -23.77 -27.31
N LEU E 140 -18.69 -23.36 -26.90
CA LEU E 140 -19.59 -22.62 -27.79
C LEU E 140 -18.90 -21.33 -28.25
N ALA E 141 -18.27 -20.65 -27.30
CA ALA E 141 -17.59 -19.40 -27.59
C ALA E 141 -16.41 -19.63 -28.54
N ALA E 142 -15.72 -20.75 -28.36
CA ALA E 142 -14.61 -21.09 -29.26
C ALA E 142 -15.13 -21.42 -30.66
N HIS E 143 -16.20 -22.19 -30.72
CA HIS E 143 -16.80 -22.57 -32.00
C HIS E 143 -17.27 -21.35 -32.76
N ARG E 144 -17.96 -20.45 -32.06
CA ARG E 144 -18.47 -19.22 -32.67
C ARG E 144 -17.33 -18.39 -33.24
N GLY E 145 -16.16 -18.48 -32.63
CA GLY E 145 -15.03 -17.68 -33.06
C GLY E 145 -14.16 -18.31 -34.13
N GLY E 146 -14.56 -19.49 -34.62
CA GLY E 146 -13.80 -20.18 -35.64
C GLY E 146 -12.46 -20.70 -35.16
N ILE E 147 -12.35 -20.93 -33.85
CA ILE E 147 -11.19 -21.60 -33.29
C ILE E 147 -11.17 -23.05 -33.80
N LYS E 148 -10.02 -23.54 -34.23
CA LYS E 148 -9.94 -24.90 -34.77
C LYS E 148 -9.54 -25.92 -33.71
N THR E 149 -8.61 -25.51 -32.85
CA THR E 149 -8.01 -26.40 -31.88
C THR E 149 -8.22 -25.84 -30.48
N VAL E 150 -8.75 -26.66 -29.58
CA VAL E 150 -8.96 -26.25 -28.19
C VAL E 150 -8.30 -27.24 -27.23
N LEU E 151 -7.49 -26.72 -26.30
CA LEU E 151 -6.91 -27.56 -25.27
C LEU E 151 -7.80 -27.44 -24.05
N ILE E 152 -8.14 -28.58 -23.44
CA ILE E 152 -8.99 -28.57 -22.25
C ILE E 152 -8.39 -29.49 -21.20
N PRO E 153 -8.80 -29.34 -19.93
CA PRO E 153 -8.26 -30.27 -18.92
C PRO E 153 -8.76 -31.70 -19.10
N PHE E 154 -7.86 -32.65 -18.87
CA PHE E 154 -8.17 -34.07 -19.01
C PHE E 154 -9.41 -34.51 -18.21
N GLU E 155 -9.59 -33.94 -17.02
CA GLU E 155 -10.72 -34.26 -16.16
C GLU E 155 -12.04 -33.71 -16.67
N ASN E 156 -11.97 -32.81 -17.65
CA ASN E 156 -13.16 -32.27 -18.29
C ASN E 156 -13.69 -33.12 -19.45
N LYS E 157 -12.96 -34.17 -19.80
CA LYS E 157 -13.37 -35.03 -20.91
C LYS E 157 -14.77 -35.58 -20.75
N ARG E 158 -15.14 -35.89 -19.52
CA ARG E 158 -16.47 -36.43 -19.22
C ARG E 158 -17.55 -35.40 -19.56
N ASP E 159 -17.21 -34.13 -19.44
CA ASP E 159 -18.15 -33.05 -19.69
C ASP E 159 -18.42 -32.86 -21.20
N LEU E 160 -17.66 -33.57 -22.04
CA LEU E 160 -17.83 -33.44 -23.50
C LEU E 160 -19.14 -34.05 -23.98
N GLU E 161 -19.75 -34.88 -23.15
CA GLU E 161 -20.99 -35.57 -23.52
C GLU E 161 -22.19 -34.64 -23.67
N GLU E 162 -22.11 -33.47 -23.04
CA GLU E 162 -23.20 -32.49 -23.12
C GLU E 162 -22.99 -31.53 -24.28
N ILE E 163 -21.85 -31.65 -24.95
CA ILE E 163 -21.55 -30.79 -26.08
C ILE E 163 -21.92 -31.50 -27.37
N PRO E 164 -22.74 -30.83 -28.20
CA PRO E 164 -23.30 -31.35 -29.45
C PRO E 164 -22.23 -31.97 -30.38
N ASP E 165 -22.69 -32.79 -31.31
CA ASP E 165 -21.80 -33.53 -32.18
C ASP E 165 -21.02 -32.61 -33.13
N ASN E 166 -21.71 -31.62 -33.68
CA ASN E 166 -21.09 -30.66 -34.61
C ASN E 166 -19.96 -29.82 -34.00
N VAL E 167 -20.16 -29.36 -32.77
CA VAL E 167 -19.14 -28.60 -32.06
C VAL E 167 -17.92 -29.49 -31.82
N ILE E 168 -18.16 -30.74 -31.46
CA ILE E 168 -17.09 -31.72 -31.33
C ILE E 168 -16.51 -32.02 -32.72
N ALA E 169 -17.35 -31.97 -33.75
CA ALA E 169 -16.88 -32.19 -35.11
C ALA E 169 -15.95 -31.07 -35.60
N ASP E 170 -16.31 -29.82 -35.32
CA ASP E 170 -15.56 -28.69 -35.86
C ASP E 170 -14.28 -28.40 -35.09
N LEU E 171 -14.23 -28.82 -33.84
CA LEU E 171 -13.10 -28.54 -32.97
C LEU E 171 -12.13 -29.73 -32.86
N ASP E 172 -10.84 -29.43 -32.91
CA ASP E 172 -9.80 -30.41 -32.61
C ASP E 172 -9.48 -30.28 -31.12
N ILE E 173 -10.07 -31.17 -30.33
CA ILE E 173 -9.92 -31.08 -28.88
C ILE E 173 -8.78 -31.98 -28.38
N HIS E 174 -7.83 -31.38 -27.66
CA HIS E 174 -6.77 -32.14 -27.02
C HIS E 174 -6.88 -31.97 -25.52
N PRO E 175 -7.35 -33.02 -24.82
CA PRO E 175 -7.31 -33.03 -23.35
C PRO E 175 -5.86 -33.09 -22.86
N VAL E 176 -5.53 -32.31 -21.84
CA VAL E 176 -4.14 -32.21 -21.39
C VAL E 176 -4.08 -32.40 -19.90
N LYS E 177 -2.99 -32.98 -19.42
CA LYS E 177 -2.86 -33.19 -17.98
C LYS E 177 -1.84 -32.26 -17.36
N ARG E 178 -0.90 -31.76 -18.16
CA ARG E 178 0.25 -31.06 -17.62
C ARG E 178 0.67 -29.85 -18.46
N ILE E 179 1.29 -28.86 -17.84
CA ILE E 179 1.66 -27.66 -18.59
C ILE E 179 2.62 -27.95 -19.77
N GLU E 180 3.48 -28.96 -19.62
CA GLU E 180 4.41 -29.34 -20.68
C GLU E 180 3.69 -29.71 -21.98
N GLU E 181 2.53 -30.35 -21.85
CA GLU E 181 1.76 -30.75 -23.03
C GLU E 181 1.12 -29.52 -23.68
N VAL E 182 0.68 -28.58 -22.86
CA VAL E 182 0.06 -27.35 -23.33
C VAL E 182 1.06 -26.55 -24.15
N LEU E 183 2.29 -26.41 -23.65
CA LEU E 183 3.28 -25.58 -24.32
C LEU E 183 3.68 -26.20 -25.66
N THR E 184 3.91 -27.51 -25.66
CA THR E 184 4.23 -28.22 -26.90
C THR E 184 3.12 -28.06 -27.93
N LEU E 185 1.87 -28.11 -27.49
CA LEU E 185 0.76 -28.02 -28.42
C LEU E 185 0.50 -26.58 -28.86
N ALA E 186 0.81 -25.62 -28.01
CA ALA E 186 0.43 -24.23 -28.25
C ALA E 186 1.51 -23.38 -28.93
N LEU E 187 2.77 -23.71 -28.74
CA LEU E 187 3.85 -22.87 -29.27
C LEU E 187 4.47 -23.45 -30.54
N GLN E 188 5.00 -22.58 -31.39
CA GLN E 188 5.54 -23.00 -32.68
C GLN E 188 6.82 -23.82 -32.56
N ASN E 189 7.72 -23.39 -31.69
CA ASN E 189 8.92 -24.17 -31.41
C ASN E 189 8.74 -25.00 -30.13
N GLU E 190 9.34 -26.18 -30.07
CA GLU E 190 9.25 -26.98 -28.85
C GLU E 190 9.96 -26.22 -27.74
N PRO E 191 9.23 -25.95 -26.63
CA PRO E 191 9.78 -25.06 -25.61
C PRO E 191 10.76 -25.76 -24.67
N SER E 192 10.57 -27.05 -24.44
CA SER E 192 11.35 -27.76 -23.44
C SER E 192 12.45 -28.63 -24.05
N GLY E 193 13.68 -28.43 -23.57
CA GLY E 193 14.79 -29.31 -23.92
C GLY E 193 15.25 -29.25 -25.37
N MET E 194 16.56 -29.42 -25.56
CA MET E 194 17.09 -29.48 -26.92
C MET E 194 16.60 -30.75 -27.59
N GLN E 195 16.61 -30.75 -28.91
CA GLN E 195 16.06 -31.86 -29.71
C GLN E 195 17.14 -32.87 -30.05
N VAL E 196 16.89 -34.12 -29.69
CA VAL E 196 17.81 -35.20 -30.02
C VAL E 196 17.18 -36.06 -31.11
N VAL E 197 17.91 -36.26 -32.20
CA VAL E 197 17.42 -37.12 -33.28
C VAL E 197 18.07 -38.49 -33.15
N THR E 198 17.23 -39.53 -33.11
CA THR E 198 17.74 -40.90 -33.11
C THR E 198 17.23 -41.66 -34.32
N ALA E 199 17.93 -42.70 -34.69
CA ALA E 199 17.48 -43.56 -35.76
C ALA E 199 17.56 -44.99 -35.25
N LYS E 200 16.67 -45.86 -35.72
CA LYS E 200 16.69 -47.23 -35.23
C LYS E 200 17.81 -48.05 -35.86
N ARG F 10 9.21 19.28 -22.37
CA ARG F 10 9.03 17.85 -22.07
C ARG F 10 7.64 17.48 -21.57
N VAL F 11 6.62 18.10 -22.17
CA VAL F 11 5.24 17.71 -21.92
C VAL F 11 4.56 17.46 -23.25
N GLY F 12 4.02 16.27 -23.45
CA GLY F 12 3.30 15.98 -24.67
C GLY F 12 1.83 16.27 -24.43
N GLN F 13 1.12 16.73 -25.46
CA GLN F 13 -0.30 17.00 -25.31
C GLN F 13 -1.06 16.61 -26.55
N VAL F 14 -2.15 15.87 -26.31
CA VAL F 14 -2.97 15.36 -27.40
C VAL F 14 -4.43 15.54 -27.04
N THR F 15 -5.22 15.91 -28.04
CA THR F 15 -6.65 16.04 -27.84
C THR F 15 -7.32 14.68 -27.99
N GLY F 16 -7.92 14.19 -26.90
CA GLY F 16 -8.58 12.91 -26.92
C GLY F 16 -10.09 13.06 -26.81
N LEU F 17 -10.81 12.03 -27.21
CA LEU F 17 -12.25 12.01 -26.98
C LEU F 17 -12.55 10.79 -26.13
N ALA F 18 -13.01 11.05 -24.92
CA ALA F 18 -13.17 10.00 -23.92
C ALA F 18 -14.30 10.33 -22.96
N TRP F 19 -14.75 9.34 -22.21
CA TRP F 19 -15.95 9.51 -21.42
C TRP F 19 -15.72 10.33 -20.15
N THR F 20 -16.60 11.30 -19.92
CA THR F 20 -16.56 12.06 -18.69
C THR F 20 -17.93 12.03 -18.07
N GLU F 21 -17.99 12.20 -16.75
CA GLU F 21 -19.27 12.25 -16.06
C GLU F 21 -20.04 13.53 -16.35
N VAL F 22 -19.32 14.63 -16.51
CA VAL F 22 -19.93 15.95 -16.74
C VAL F 22 -19.16 16.71 -17.81
N GLY F 23 -19.84 17.62 -18.49
CA GLY F 23 -19.23 18.35 -19.60
C GLY F 23 -19.08 17.51 -20.85
N GLY F 24 -18.22 17.95 -21.76
CA GLY F 24 -18.03 17.23 -23.01
C GLY F 24 -17.00 16.12 -22.93
N ASP F 25 -16.88 15.35 -24.00
CA ASP F 25 -15.96 14.23 -24.02
C ASP F 25 -14.62 14.61 -24.64
N LEU F 26 -14.45 15.90 -24.94
CA LEU F 26 -13.18 16.39 -25.51
C LEU F 26 -12.20 16.77 -24.41
N LEU F 27 -11.04 16.09 -24.39
CA LEU F 27 -10.05 16.27 -23.33
C LEU F 27 -8.64 16.48 -23.88
N THR F 28 -7.80 17.16 -23.10
CA THR F 28 -6.39 17.25 -23.44
C THR F 28 -5.64 16.25 -22.57
N ILE F 29 -5.03 15.25 -23.20
CA ILE F 29 -4.24 14.28 -22.47
C ILE F 29 -2.82 14.84 -22.39
N GLU F 30 -2.29 14.98 -21.18
CA GLU F 30 -0.95 15.55 -21.00
C GLU F 30 -0.02 14.47 -20.48
N THR F 31 1.23 14.50 -20.93
CA THR F 31 2.23 13.59 -20.41
C THR F 31 3.55 14.30 -20.25
N ALA F 32 4.13 14.21 -19.06
CA ALA F 32 5.45 14.79 -18.86
C ALA F 32 6.43 13.64 -18.67
N CYS F 33 7.63 13.81 -19.19
CA CYS F 33 8.67 12.79 -19.05
C CYS F 33 9.91 13.51 -18.56
N VAL F 34 10.06 13.53 -17.25
CA VAL F 34 11.07 14.35 -16.61
C VAL F 34 12.14 13.43 -16.00
N PRO F 35 13.32 13.98 -15.71
CA PRO F 35 14.37 13.19 -15.04
C PRO F 35 13.82 12.50 -13.81
N GLY F 36 14.09 11.20 -13.72
CA GLY F 36 13.59 10.39 -12.63
C GLY F 36 14.22 9.03 -12.66
N LYS F 37 13.47 8.02 -12.24
CA LYS F 37 14.04 6.69 -12.06
C LYS F 37 12.97 5.64 -12.25
N GLY F 38 12.03 5.95 -13.13
CA GLY F 38 11.06 4.96 -13.58
C GLY F 38 9.78 4.91 -12.77
N LYS F 39 9.34 6.05 -12.27
CA LYS F 39 8.06 6.11 -11.58
C LYS F 39 6.95 6.61 -12.49
N LEU F 40 5.78 5.98 -12.40
CA LEU F 40 4.61 6.42 -13.14
C LEU F 40 3.61 7.05 -12.20
N THR F 41 3.13 8.23 -12.58
CA THR F 41 2.11 8.95 -11.82
C THR F 41 0.98 9.19 -12.79
N TYR F 42 -0.26 8.97 -12.36
CA TYR F 42 -1.38 9.38 -13.19
C TYR F 42 -2.49 10.04 -12.38
N THR F 43 -2.98 11.16 -12.92
CA THR F 43 -3.93 12.02 -12.24
C THR F 43 -5.01 12.57 -13.17
N GLY F 44 -6.10 13.03 -12.58
CA GLY F 44 -7.15 13.68 -13.35
C GLY F 44 -8.54 13.11 -13.04
N SER F 45 -8.74 12.69 -11.80
CA SER F 45 -10.01 12.10 -11.39
C SER F 45 -10.34 10.90 -12.28
N LEU F 46 -9.34 10.05 -12.47
CA LEU F 46 -9.42 8.89 -13.36
C LEU F 46 -10.06 7.66 -12.72
N GLY F 47 -10.97 7.02 -13.45
CA GLY F 47 -11.51 5.74 -13.05
C GLY F 47 -10.50 4.65 -13.36
N GLU F 48 -10.72 3.46 -12.82
CA GLU F 48 -9.75 2.39 -12.91
C GLU F 48 -9.50 1.91 -14.34
N VAL F 49 -10.54 1.84 -15.15
CA VAL F 49 -10.36 1.41 -16.52
C VAL F 49 -9.45 2.40 -17.27
N MET F 50 -9.63 3.69 -17.02
CA MET F 50 -8.79 4.69 -17.69
C MET F 50 -7.35 4.62 -17.16
N GLN F 51 -7.20 4.42 -15.85
CA GLN F 51 -5.88 4.20 -15.26
C GLN F 51 -5.14 3.04 -15.93
N GLU F 52 -5.86 1.94 -16.17
CA GLU F 52 -5.24 0.80 -16.83
C GLU F 52 -4.86 1.11 -18.28
N SER F 53 -5.66 1.93 -18.96
CA SER F 53 -5.35 2.31 -20.34
C SER F 53 -4.02 3.08 -20.41
N ILE F 54 -3.71 3.81 -19.36
CA ILE F 54 -2.44 4.51 -19.29
C ILE F 54 -1.29 3.52 -19.22
N GLN F 55 -1.46 2.48 -18.40
CA GLN F 55 -0.41 1.47 -18.29
C GLN F 55 -0.22 0.76 -19.61
N ALA F 56 -1.32 0.49 -20.31
CA ALA F 56 -1.24 -0.21 -21.59
C ALA F 56 -0.52 0.66 -22.61
N ALA F 57 -0.89 1.94 -22.67
CA ALA F 57 -0.26 2.89 -23.58
C ALA F 57 1.24 2.97 -23.29
N LEU F 58 1.60 3.05 -22.02
CA LEU F 58 3.02 3.14 -21.67
C LEU F 58 3.80 1.92 -22.11
N THR F 59 3.24 0.73 -21.86
CA THR F 59 3.88 -0.51 -22.30
C THR F 59 4.04 -0.60 -23.81
N VAL F 60 3.05 -0.14 -24.56
CA VAL F 60 3.15 -0.11 -26.03
C VAL F 60 4.37 0.69 -26.45
N VAL F 61 4.57 1.84 -25.84
CA VAL F 61 5.71 2.67 -26.17
C VAL F 61 7.01 1.97 -25.77
N ARG F 62 7.03 1.39 -24.57
CA ARG F 62 8.21 0.69 -24.07
C ARG F 62 8.62 -0.45 -24.98
N ALA F 63 7.65 -1.18 -25.51
CA ALA F 63 7.93 -2.30 -26.40
C ALA F 63 8.45 -1.87 -27.77
N ARG F 64 8.16 -0.64 -28.17
CA ARG F 64 8.51 -0.13 -29.49
C ARG F 64 9.54 1.01 -29.47
N ALA F 65 10.14 1.23 -28.30
CA ALA F 65 11.06 2.35 -28.08
C ALA F 65 12.07 2.55 -29.21
N GLU F 66 12.82 1.51 -29.54
CA GLU F 66 13.87 1.58 -30.55
C GLU F 66 13.34 2.02 -31.91
N LYS F 67 12.26 1.38 -32.34
CA LYS F 67 11.66 1.67 -33.64
C LYS F 67 11.10 3.08 -33.69
N LEU F 68 10.71 3.61 -32.54
CA LEU F 68 10.16 4.96 -32.43
C LEU F 68 11.25 6.04 -32.26
N GLY F 69 12.51 5.62 -32.18
CA GLY F 69 13.60 6.56 -31.97
C GLY F 69 13.76 6.96 -30.52
N ILE F 70 13.46 6.04 -29.61
CA ILE F 70 13.59 6.27 -28.17
C ILE F 70 14.57 5.25 -27.59
N ASN F 71 15.49 5.71 -26.74
CA ASN F 71 16.39 4.79 -26.04
C ASN F 71 15.58 3.75 -25.28
N PRO F 72 15.86 2.46 -25.52
CA PRO F 72 15.05 1.36 -24.97
C PRO F 72 15.05 1.39 -23.44
N ASP F 73 16.11 1.95 -22.89
CA ASP F 73 16.30 1.99 -21.44
C ASP F 73 16.01 3.38 -20.90
N PHE F 74 15.15 4.13 -21.60
CA PHE F 74 14.77 5.47 -21.19
C PHE F 74 14.12 5.46 -19.82
N TYR F 75 13.41 4.38 -19.51
CA TYR F 75 12.60 4.34 -18.30
C TYR F 75 13.43 4.25 -17.03
N GLU F 76 14.74 4.01 -17.18
CA GLU F 76 15.65 4.02 -16.03
C GLU F 76 15.88 5.43 -15.50
N LYS F 77 15.75 6.42 -16.38
CA LYS F 77 16.21 7.76 -16.07
C LYS F 77 15.12 8.81 -16.25
N ARG F 78 13.89 8.35 -16.46
CA ARG F 78 12.77 9.28 -16.58
C ARG F 78 11.64 8.87 -15.65
N ASP F 79 10.92 9.88 -15.15
CA ASP F 79 9.63 9.64 -14.51
C ASP F 79 8.57 10.10 -15.49
N ILE F 80 7.43 9.46 -15.48
CA ILE F 80 6.34 9.83 -16.38
C ILE F 80 5.09 10.19 -15.59
N HIS F 81 4.51 11.34 -15.89
CA HIS F 81 3.29 11.78 -15.21
C HIS F 81 2.26 11.98 -16.28
N VAL F 82 1.16 11.22 -16.21
CA VAL F 82 0.09 11.38 -17.17
C VAL F 82 -1.05 12.09 -16.46
N HIS F 83 -1.50 13.22 -16.99
CA HIS F 83 -2.54 14.00 -16.32
C HIS F 83 -3.64 14.32 -17.32
N VAL F 84 -4.88 14.12 -16.92
CA VAL F 84 -6.01 14.42 -17.81
C VAL F 84 -6.95 15.48 -17.24
N PRO F 85 -6.69 16.75 -17.55
CA PRO F 85 -7.61 17.82 -17.16
C PRO F 85 -8.96 17.65 -17.87
N GLU F 86 -10.03 18.26 -17.38
CA GLU F 86 -10.04 19.12 -16.20
C GLU F 86 -9.93 18.26 -14.93
N GLY F 87 -9.12 18.73 -13.98
CA GLY F 87 -8.71 17.89 -12.87
C GLY F 87 -9.81 17.33 -11.98
N ALA F 88 -10.93 18.05 -11.86
CA ALA F 88 -12.01 17.61 -10.98
C ALA F 88 -13.11 16.85 -11.70
N THR F 89 -12.98 16.66 -13.00
CA THR F 89 -14.02 15.97 -13.78
C THR F 89 -13.82 14.47 -13.74
N PRO F 90 -14.78 13.73 -13.14
CA PRO F 90 -14.61 12.28 -13.17
C PRO F 90 -14.64 11.80 -14.62
N LYS F 91 -13.67 10.97 -14.99
CA LYS F 91 -13.61 10.40 -16.31
C LYS F 91 -13.16 8.94 -16.27
N ASP F 92 -13.52 8.17 -17.28
CA ASP F 92 -13.21 6.74 -17.26
C ASP F 92 -13.34 6.15 -18.65
N GLY F 93 -13.03 4.86 -18.74
CA GLY F 93 -13.14 4.14 -20.00
C GLY F 93 -11.78 4.09 -20.68
N PRO F 94 -11.68 3.31 -21.76
CA PRO F 94 -10.41 3.05 -22.43
C PRO F 94 -10.19 3.92 -23.66
N ALA F 95 -11.07 4.89 -23.89
CA ALA F 95 -11.10 5.59 -25.19
C ALA F 95 -9.97 6.60 -25.38
N ALA F 96 -9.24 6.92 -24.31
CA ALA F 96 -8.15 7.88 -24.44
C ALA F 96 -6.83 7.18 -24.75
N GLY F 97 -6.88 5.85 -24.87
CA GLY F 97 -5.68 5.03 -25.02
C GLY F 97 -4.74 5.47 -26.12
N ILE F 98 -5.26 5.67 -27.32
CA ILE F 98 -4.37 6.06 -28.42
C ILE F 98 -3.83 7.48 -28.22
N ALA F 99 -4.62 8.36 -27.60
CA ALA F 99 -4.12 9.69 -27.28
C ALA F 99 -2.97 9.60 -26.26
N MET F 100 -3.11 8.70 -25.30
CA MET F 100 -2.09 8.55 -24.28
C MET F 100 -0.81 8.05 -24.92
N CYS F 101 -0.95 7.06 -25.80
CA CYS F 101 0.22 6.56 -26.53
C CYS F 101 0.90 7.68 -27.32
N THR F 102 0.09 8.44 -28.05
CA THR F 102 0.61 9.52 -28.88
C THR F 102 1.36 10.57 -28.04
N ALA F 103 0.74 10.95 -26.92
CA ALA F 103 1.33 11.96 -26.04
C ALA F 103 2.68 11.49 -25.47
N LEU F 104 2.76 10.22 -25.08
CA LEU F 104 4.01 9.68 -24.57
C LEU F 104 5.11 9.69 -25.63
N VAL F 105 4.78 9.28 -26.85
CA VAL F 105 5.75 9.30 -27.94
C VAL F 105 6.22 10.72 -28.19
N SER F 106 5.28 11.66 -28.22
CA SER F 106 5.59 13.07 -28.44
C SER F 106 6.56 13.55 -27.38
N CYS F 107 6.21 13.31 -26.12
CA CYS F 107 7.03 13.78 -25.01
C CYS F 107 8.45 13.22 -25.07
N LEU F 108 8.56 11.94 -25.39
CA LEU F 108 9.86 11.27 -25.33
C LEU F 108 10.73 11.54 -26.55
N THR F 109 10.11 11.93 -27.66
CA THR F 109 10.85 12.24 -28.89
C THR F 109 11.00 13.75 -29.14
N GLY F 110 10.14 14.55 -28.50
CA GLY F 110 10.15 15.98 -28.75
C GLY F 110 9.46 16.37 -30.05
N ASN F 111 8.64 15.46 -30.58
CA ASN F 111 7.89 15.71 -31.80
C ASN F 111 6.50 16.22 -31.42
N PRO F 112 6.18 17.47 -31.78
CA PRO F 112 4.89 18.01 -31.33
C PRO F 112 3.68 17.38 -32.03
N VAL F 113 2.54 17.43 -31.36
CA VAL F 113 1.27 16.90 -31.88
C VAL F 113 0.51 17.99 -32.60
N ARG F 114 -0.15 17.65 -33.71
CA ARG F 114 -1.03 18.59 -34.39
C ARG F 114 -2.21 18.98 -33.51
N ALA F 115 -2.40 20.27 -33.28
CA ALA F 115 -3.45 20.77 -32.39
C ALA F 115 -4.82 20.72 -33.05
N ASP F 116 -4.86 20.54 -34.37
CA ASP F 116 -6.15 20.47 -35.07
C ASP F 116 -6.67 19.04 -35.19
N VAL F 117 -5.94 18.11 -34.58
CA VAL F 117 -6.28 16.69 -34.59
C VAL F 117 -6.79 16.23 -33.21
N ALA F 118 -7.86 15.46 -33.20
CA ALA F 118 -8.33 14.79 -31.97
C ALA F 118 -8.38 13.31 -32.26
N MET F 119 -8.35 12.48 -31.22
CA MET F 119 -8.40 11.05 -31.44
C MET F 119 -9.17 10.31 -30.37
N THR F 120 -9.76 9.19 -30.75
CA THR F 120 -10.45 8.32 -29.81
C THR F 120 -10.22 6.87 -30.20
N GLY F 121 -10.08 6.00 -29.21
CA GLY F 121 -9.84 4.59 -29.47
C GLY F 121 -9.11 3.86 -28.35
N GLU F 122 -9.46 2.59 -28.17
CA GLU F 122 -8.80 1.73 -27.19
C GLU F 122 -7.52 1.16 -27.79
N ILE F 123 -6.44 1.15 -27.02
CA ILE F 123 -5.18 0.60 -27.49
C ILE F 123 -4.93 -0.79 -26.87
N THR F 124 -4.36 -1.70 -27.65
CA THR F 124 -3.91 -2.99 -27.14
C THR F 124 -2.41 -3.01 -27.10
N LEU F 125 -1.84 -4.00 -26.42
CA LEU F 125 -0.39 -4.10 -26.31
C LEU F 125 0.22 -4.39 -27.67
N ARG F 126 -0.55 -5.05 -28.54
CA ARG F 126 -0.06 -5.37 -29.88
C ARG F 126 -0.16 -4.16 -30.82
N GLY F 127 -0.69 -3.05 -30.31
CA GLY F 127 -0.75 -1.82 -31.09
C GLY F 127 -1.96 -1.66 -31.97
N GLN F 128 -2.97 -2.51 -31.75
CA GLN F 128 -4.23 -2.40 -32.49
C GLN F 128 -5.19 -1.41 -31.84
N VAL F 129 -6.00 -0.75 -32.65
CA VAL F 129 -6.97 0.23 -32.17
C VAL F 129 -8.36 -0.41 -32.16
N LEU F 130 -8.93 -0.56 -30.97
CA LEU F 130 -10.22 -1.22 -30.81
C LEU F 130 -11.34 -0.20 -30.78
N PRO F 131 -12.55 -0.60 -31.21
CA PRO F 131 -13.66 0.36 -31.27
C PRO F 131 -14.14 0.81 -29.89
N ILE F 132 -14.79 1.97 -29.85
CA ILE F 132 -15.26 2.52 -28.58
C ILE F 132 -16.75 2.83 -28.64
N GLY F 133 -17.35 3.08 -27.49
CA GLY F 133 -18.76 3.44 -27.45
C GLY F 133 -18.97 4.95 -27.47
N GLY F 134 -20.22 5.36 -27.64
CA GLY F 134 -20.58 6.77 -27.56
C GLY F 134 -19.86 7.61 -28.60
N LEU F 135 -19.73 7.07 -29.81
CA LEU F 135 -19.06 7.82 -30.86
C LEU F 135 -19.76 9.14 -31.12
N LYS F 136 -21.10 9.12 -31.08
CA LYS F 136 -21.86 10.33 -31.39
C LYS F 136 -21.54 11.48 -30.42
N GLU F 137 -21.58 11.21 -29.12
CA GLU F 137 -21.27 12.23 -28.12
C GLU F 137 -19.84 12.74 -28.32
N LYS F 138 -18.92 11.84 -28.62
CA LYS F 138 -17.53 12.20 -28.83
C LYS F 138 -17.34 13.13 -30.05
N LEU F 139 -17.92 12.75 -31.18
CA LEU F 139 -17.77 13.58 -32.38
C LEU F 139 -18.43 14.94 -32.22
N LEU F 140 -19.52 14.98 -31.47
CA LEU F 140 -20.18 16.28 -31.22
C LEU F 140 -19.28 17.20 -30.40
N ALA F 141 -18.57 16.62 -29.44
CA ALA F 141 -17.66 17.38 -28.59
C ALA F 141 -16.50 17.91 -29.43
N ALA F 142 -16.01 17.07 -30.33
CA ALA F 142 -14.96 17.46 -31.25
C ALA F 142 -15.44 18.60 -32.15
N HIS F 143 -16.67 18.49 -32.64
CA HIS F 143 -17.27 19.55 -33.46
C HIS F 143 -17.45 20.86 -32.70
N ARG F 144 -18.02 20.78 -31.50
CA ARG F 144 -18.23 21.99 -30.70
C ARG F 144 -16.89 22.58 -30.27
N GLY F 145 -15.90 21.71 -30.09
CA GLY F 145 -14.57 22.14 -29.67
C GLY F 145 -13.75 22.79 -30.77
N GLY F 146 -14.25 22.74 -32.01
CA GLY F 146 -13.56 23.33 -33.14
C GLY F 146 -12.43 22.50 -33.73
N ILE F 147 -12.53 21.17 -33.57
CA ILE F 147 -11.51 20.28 -34.08
C ILE F 147 -11.72 20.04 -35.57
N LYS F 148 -10.63 20.04 -36.34
CA LYS F 148 -10.69 19.83 -37.78
C LYS F 148 -10.69 18.35 -38.17
N THR F 149 -9.74 17.60 -37.61
CA THR F 149 -9.50 16.21 -37.98
C THR F 149 -9.68 15.28 -36.78
N VAL F 150 -10.38 14.16 -36.98
CA VAL F 150 -10.61 13.19 -35.91
C VAL F 150 -10.22 11.77 -36.33
N LEU F 151 -9.38 11.14 -35.52
CA LEU F 151 -8.99 9.76 -35.77
C LEU F 151 -9.92 8.89 -34.94
N ILE F 152 -10.52 7.89 -35.57
CA ILE F 152 -11.45 6.99 -34.87
C ILE F 152 -11.07 5.55 -35.22
N PRO F 153 -11.49 4.58 -34.39
CA PRO F 153 -11.16 3.19 -34.72
C PRO F 153 -11.89 2.72 -35.98
N PHE F 154 -11.22 1.90 -36.77
CA PHE F 154 -11.76 1.41 -38.03
C PHE F 154 -13.10 0.71 -37.82
N GLU F 155 -13.21 -0.07 -36.74
CA GLU F 155 -14.46 -0.78 -36.50
C GLU F 155 -15.61 0.14 -36.10
N ASN F 156 -15.33 1.44 -35.95
CA ASN F 156 -16.37 2.42 -35.62
C ASN F 156 -17.01 3.09 -36.85
N LYS F 157 -16.53 2.73 -38.04
CA LYS F 157 -17.02 3.31 -39.29
C LYS F 157 -18.53 3.17 -39.45
N ARG F 158 -19.03 1.99 -39.13
CA ARG F 158 -20.45 1.68 -39.14
C ARG F 158 -21.22 2.77 -38.39
N ASP F 159 -20.67 3.16 -37.25
CA ASP F 159 -21.32 4.12 -36.36
C ASP F 159 -21.43 5.52 -36.94
N LEU F 160 -20.64 5.81 -37.98
CA LEU F 160 -20.66 7.14 -38.61
C LEU F 160 -21.99 7.45 -39.27
N GLU F 161 -22.71 6.40 -39.67
CA GLU F 161 -23.98 6.54 -40.37
C GLU F 161 -25.04 7.27 -39.54
N GLU F 162 -24.88 7.22 -38.22
CA GLU F 162 -25.86 7.83 -37.32
C GLU F 162 -25.42 9.20 -36.76
N ILE F 163 -24.28 9.70 -37.25
CA ILE F 163 -23.78 11.03 -36.89
C ILE F 163 -24.48 12.10 -37.76
N PRO F 164 -24.77 13.29 -37.19
CA PRO F 164 -25.32 14.39 -37.99
C PRO F 164 -24.50 14.74 -39.25
N ASP F 165 -25.18 14.99 -40.37
CA ASP F 165 -24.48 15.23 -41.63
C ASP F 165 -23.67 16.52 -41.57
N ASN F 166 -24.14 17.48 -40.78
CA ASN F 166 -23.44 18.74 -40.57
C ASN F 166 -22.12 18.50 -39.85
N VAL F 167 -22.14 17.58 -38.89
CA VAL F 167 -20.92 17.17 -38.19
C VAL F 167 -20.01 16.38 -39.13
N ILE F 168 -20.60 15.46 -39.90
CA ILE F 168 -19.86 14.69 -40.88
C ILE F 168 -19.23 15.62 -41.94
N ALA F 169 -19.99 16.60 -42.39
CA ALA F 169 -19.50 17.52 -43.43
C ALA F 169 -18.35 18.42 -42.93
N ASP F 170 -18.33 18.68 -41.62
CA ASP F 170 -17.37 19.61 -41.04
C ASP F 170 -16.07 18.93 -40.62
N LEU F 171 -16.15 17.68 -40.19
CA LEU F 171 -14.99 16.97 -39.66
C LEU F 171 -14.27 16.10 -40.70
N ASP F 172 -12.95 16.11 -40.67
CA ASP F 172 -12.16 15.18 -41.47
C ASP F 172 -11.89 13.93 -40.63
N ILE F 173 -12.68 12.88 -40.86
CA ILE F 173 -12.58 11.66 -40.05
C ILE F 173 -11.69 10.62 -40.74
N HIS F 174 -10.67 10.16 -40.03
CA HIS F 174 -9.79 9.10 -40.54
C HIS F 174 -9.96 7.87 -39.67
N PRO F 175 -10.55 6.79 -40.21
CA PRO F 175 -10.60 5.56 -39.41
C PRO F 175 -9.21 4.93 -39.41
N VAL F 176 -8.76 4.46 -38.25
CA VAL F 176 -7.43 3.87 -38.13
C VAL F 176 -7.50 2.48 -37.51
N LYS F 177 -6.59 1.59 -37.92
CA LYS F 177 -6.54 0.23 -37.42
C LYS F 177 -5.41 -0.01 -36.41
N ARG F 178 -4.35 0.80 -36.51
CA ARG F 178 -3.12 0.53 -35.74
C ARG F 178 -2.39 1.79 -35.27
N ILE F 179 -1.61 1.64 -34.21
CA ILE F 179 -0.94 2.77 -33.57
C ILE F 179 0.03 3.52 -34.51
N GLU F 180 0.65 2.80 -35.45
CA GLU F 180 1.55 3.46 -36.39
C GLU F 180 0.81 4.44 -37.30
N GLU F 181 -0.44 4.13 -37.67
CA GLU F 181 -1.25 5.05 -38.47
C GLU F 181 -1.56 6.31 -37.66
N VAL F 182 -1.89 6.11 -36.39
CA VAL F 182 -2.19 7.21 -35.49
C VAL F 182 -1.02 8.17 -35.41
N LEU F 183 0.16 7.62 -35.15
CA LEU F 183 1.38 8.43 -35.01
C LEU F 183 1.72 9.26 -36.25
N THR F 184 1.72 8.64 -37.44
CA THR F 184 2.05 9.41 -38.65
C THR F 184 1.03 10.52 -38.94
N LEU F 185 -0.23 10.29 -38.58
CA LEU F 185 -1.27 11.29 -38.80
C LEU F 185 -1.22 12.42 -37.76
N ALA F 186 -0.87 12.07 -36.52
CA ALA F 186 -0.98 13.02 -35.41
C ALA F 186 0.30 13.78 -35.10
N LEU F 187 1.44 13.17 -35.33
CA LEU F 187 2.70 13.84 -35.03
C LEU F 187 3.10 14.71 -36.21
N GLN F 188 3.75 15.83 -35.93
CA GLN F 188 4.01 16.84 -36.94
C GLN F 188 5.15 16.52 -37.92
N ASN F 189 6.28 16.09 -37.38
CA ASN F 189 7.47 15.85 -38.21
C ASN F 189 7.65 14.40 -38.62
S SO4 G . -8.74 21.23 19.07
O1 SO4 G . -10.18 21.41 19.26
O2 SO4 G . -8.16 22.53 18.75
O3 SO4 G . -8.47 20.29 17.99
O4 SO4 G . -8.14 20.69 20.28
S SO4 H . -7.56 -4.29 28.25
O1 SO4 H . -6.66 -3.41 28.99
O2 SO4 H . -8.92 -4.13 28.78
O3 SO4 H . -7.10 -5.68 28.39
O4 SO4 H . -7.50 -3.98 26.83
S SO4 I . -10.44 -24.82 11.55
O1 SO4 I . -10.29 -23.41 11.23
O2 SO4 I . -9.53 -25.14 12.65
O3 SO4 I . -10.12 -25.59 10.36
O4 SO4 I . -11.82 -25.09 11.96
S SO4 J . -14.97 -20.54 -14.49
O1 SO4 J . -15.25 -19.41 -13.61
O2 SO4 J . -16.15 -21.40 -14.59
O3 SO4 J . -13.87 -21.34 -13.95
O4 SO4 J . -14.56 -20.04 -15.81
S SO4 K . -16.12 4.85 -23.58
O1 SO4 K . -17.58 4.82 -23.59
O2 SO4 K . -15.63 6.20 -23.87
O3 SO4 K . -15.62 3.92 -24.58
O4 SO4 K . -15.59 4.48 -22.27
#